data_5W15
#
_entry.id   5W15
#
_cell.length_a   60.070
_cell.length_b   143.590
_cell.length_c   75.850
_cell.angle_alpha   90.000
_cell.angle_beta   111.340
_cell.angle_gamma   90.000
#
_symmetry.space_group_name_H-M   'P 1 21 1'
#
loop_
_entity.id
_entity.type
_entity.pdbx_description
1 polymer 'Alpha/beta hydrolase fold protein'
2 non-polymer 1,2-ETHANEDIOL
3 non-polymer 'CHLORIDE ION'
4 non-polymer 'MAGNESIUM ION'
5 water water
#
_entity_poly.entity_id   1
_entity_poly.type   'polypeptide(L)'
_entity_poly.pdbx_seq_one_letter_code
;MAHHHHHHMLDLANRFNFEGHRIAWGTLGEGPPLVLVHGTPFSSQVWRRIAPWLARRHRVFFYDLLGYGQSDMPDADVSL
GRQNVLFGALLDEWKISRPRVLAHDYGGATVLRAHFLDGIAYSDLTLVNPVAIAPQGSPFVRHVAQHEAAFTGLPAYAHH
ALVSAYIGQAVAQPLSDDVLSIYRAPWLTPAGQAAFYRQIAQMRQRYIEDAEARYAPPDFPVRIVWGEDDRWIPLEQGQA
LADRIANGKLIRVPRAGHLVQEDAPEAIVAAVLDR
;
_entity_poly.pdbx_strand_id   A,B,C,D
#
loop_
_chem_comp.id
_chem_comp.type
_chem_comp.name
_chem_comp.formula
CL non-polymer 'CHLORIDE ION' 'Cl -1'
EDO non-polymer 1,2-ETHANEDIOL 'C2 H6 O2'
MG non-polymer 'MAGNESIUM ION' 'Mg 2'
#
# COMPACT_ATOMS: atom_id res chain seq x y z
N HIS A 6 16.77 53.42 -4.68
CA HIS A 6 15.93 52.28 -4.35
C HIS A 6 16.14 51.80 -2.91
N HIS A 7 15.43 50.75 -2.52
CA HIS A 7 15.63 50.14 -1.21
C HIS A 7 16.91 49.30 -1.19
N HIS A 8 17.40 49.03 0.02
CA HIS A 8 18.63 48.25 0.15
C HIS A 8 18.50 46.91 -0.53
N MET A 9 19.56 46.52 -1.22
CA MET A 9 19.67 45.15 -1.68
C MET A 9 19.82 44.22 -0.50
N LEU A 10 19.22 43.05 -0.61
CA LEU A 10 19.39 42.04 0.42
C LEU A 10 20.82 41.57 0.43
N ASP A 11 21.35 41.40 1.62
CA ASP A 11 22.72 40.92 1.79
C ASP A 11 22.71 39.40 1.77
N LEU A 12 23.36 38.82 0.77
CA LEU A 12 23.58 37.37 0.68
C LEU A 12 25.07 37.14 0.90
N ALA A 13 25.47 37.20 2.16
CA ALA A 13 26.89 37.15 2.51
C ALA A 13 27.44 35.73 2.60
N ASN A 14 26.58 34.72 2.62
CA ASN A 14 27.02 33.37 2.85
C ASN A 14 27.15 32.62 1.52
N ARG A 15 28.00 31.61 1.52
CA ARG A 15 28.19 30.76 0.35
C ARG A 15 28.09 29.30 0.80
N PHE A 16 27.26 28.55 0.08
CA PHE A 16 27.11 27.11 0.29
C PHE A 16 27.71 26.38 -0.91
N ASN A 17 28.50 25.35 -0.64
CA ASN A 17 29.10 24.55 -1.70
C ASN A 17 28.10 23.48 -2.14
N PHE A 18 27.55 23.63 -3.33
CA PHE A 18 26.63 22.65 -3.91
C PHE A 18 27.32 21.97 -5.09
N GLU A 19 27.80 20.75 -4.86
CA GLU A 19 28.41 19.92 -5.91
C GLU A 19 29.51 20.68 -6.65
N GLY A 20 30.31 21.45 -5.90
CA GLY A 20 31.40 22.22 -6.47
C GLY A 20 31.04 23.65 -6.85
N HIS A 21 29.78 24.02 -6.80
CA HIS A 21 29.35 25.36 -7.17
C HIS A 21 29.02 26.16 -5.93
N ARG A 22 29.44 27.41 -5.90
CA ARG A 22 29.12 28.29 -4.78
CA ARG A 22 29.12 28.29 -4.78
C ARG A 22 27.71 28.86 -4.93
N ILE A 23 26.92 28.77 -3.87
CA ILE A 23 25.54 29.24 -3.86
C ILE A 23 25.46 30.39 -2.88
N ALA A 24 24.98 31.54 -3.33
CA ALA A 24 24.85 32.69 -2.45
C ALA A 24 23.57 32.61 -1.64
N TRP A 25 23.65 32.94 -0.35
CA TRP A 25 22.44 32.95 0.47
C TRP A 25 22.62 33.88 1.67
N GLY A 26 21.49 34.21 2.30
CA GLY A 26 21.51 35.07 3.47
C GLY A 26 20.34 34.76 4.36
N THR A 27 20.34 35.37 5.54
CA THR A 27 19.22 35.16 6.45
C THR A 27 18.98 36.43 7.23
N LEU A 28 17.72 36.67 7.60
CA LEU A 28 17.34 37.77 8.47
C LEU A 28 16.37 37.25 9.52
N GLY A 29 16.31 37.94 10.66
CA GLY A 29 15.28 37.68 11.65
C GLY A 29 15.55 36.48 12.54
N GLU A 30 14.61 36.24 13.45
CA GLU A 30 14.66 35.11 14.37
C GLU A 30 13.29 34.46 14.41
N GLY A 31 13.27 33.18 14.75
CA GLY A 31 12.03 32.49 14.98
C GLY A 31 11.82 31.38 13.98
N PRO A 32 10.56 31.03 13.75
CA PRO A 32 10.25 29.88 12.89
C PRO A 32 10.76 30.11 11.49
N PRO A 33 11.25 29.07 10.82
CA PRO A 33 11.93 29.29 9.52
C PRO A 33 10.98 29.55 8.37
N LEU A 34 11.37 30.47 7.51
CA LEU A 34 10.62 30.81 6.31
CA LEU A 34 10.62 30.84 6.32
C LEU A 34 11.62 30.95 5.18
N VAL A 35 11.43 30.16 4.11
CA VAL A 35 12.40 30.10 3.01
C VAL A 35 11.81 30.76 1.77
N LEU A 36 12.58 31.67 1.16
CA LEU A 36 12.16 32.44 0.00
C LEU A 36 12.93 31.98 -1.23
N VAL A 37 12.19 31.68 -2.32
CA VAL A 37 12.79 31.06 -3.51
C VAL A 37 12.37 31.86 -4.73
N HIS A 38 13.35 32.43 -5.44
CA HIS A 38 13.05 33.30 -6.57
C HIS A 38 12.93 32.47 -7.85
N GLY A 39 12.62 33.17 -8.94
CA GLY A 39 12.51 32.57 -10.26
C GLY A 39 13.32 33.26 -11.34
N THR A 40 13.01 33.00 -12.60
CA THR A 40 13.87 33.48 -13.66
C THR A 40 13.25 34.70 -14.34
N PRO A 41 14.07 35.64 -14.83
CA PRO A 41 15.53 35.70 -14.75
C PRO A 41 16.00 36.60 -13.62
N PHE A 42 15.55 36.31 -12.40
CA PHE A 42 15.81 37.26 -11.33
C PHE A 42 16.75 36.67 -10.28
N SER A 43 16.52 37.01 -9.01
CA SER A 43 17.45 36.72 -7.93
C SER A 43 16.70 36.93 -6.62
N SER A 44 17.40 36.71 -5.51
CA SER A 44 16.79 36.98 -4.21
C SER A 44 16.45 38.44 -4.02
N GLN A 45 17.01 39.33 -4.86
CA GLN A 45 16.68 40.74 -4.71
C GLN A 45 15.20 41.03 -4.93
N VAL A 46 14.44 40.11 -5.54
CA VAL A 46 13.00 40.31 -5.63
C VAL A 46 12.35 40.36 -4.25
N TRP A 47 13.04 39.90 -3.21
CA TRP A 47 12.48 39.95 -1.86
C TRP A 47 12.99 41.12 -1.04
N ARG A 48 13.69 42.10 -1.62
CA ARG A 48 14.30 43.11 -0.77
C ARG A 48 13.29 44.00 -0.06
N ARG A 49 12.05 44.13 -0.58
CA ARG A 49 11.02 44.88 0.11
C ARG A 49 10.05 43.97 0.85
N ILE A 50 10.34 42.68 0.90
CA ILE A 50 9.43 41.70 1.48
C ILE A 50 10.09 40.98 2.65
N ALA A 51 11.28 40.41 2.44
CA ALA A 51 11.98 39.69 3.50
C ALA A 51 12.12 40.47 4.80
N PRO A 52 12.44 41.77 4.81
CA PRO A 52 12.58 42.45 6.12
C PRO A 52 11.32 42.44 6.94
N TRP A 53 10.15 42.52 6.31
CA TRP A 53 8.90 42.51 7.07
C TRP A 53 8.53 41.11 7.51
N LEU A 54 8.83 40.10 6.70
CA LEU A 54 8.62 38.74 7.14
C LEU A 54 9.61 38.34 8.23
N ALA A 55 10.73 39.05 8.35
CA ALA A 55 11.74 38.72 9.36
C ALA A 55 11.40 39.26 10.74
N ARG A 56 10.33 40.02 10.87
CA ARG A 56 9.97 40.51 12.20
C ARG A 56 9.55 39.37 13.12
N ARG A 57 8.94 38.30 12.57
CA ARG A 57 8.45 37.19 13.36
C ARG A 57 8.97 35.83 12.89
N HIS A 58 9.78 35.79 11.84
CA HIS A 58 10.33 34.55 11.32
C HIS A 58 11.82 34.73 11.11
N ARG A 59 12.55 33.63 11.09
CA ARG A 59 13.90 33.62 10.53
CA ARG A 59 13.90 33.63 10.53
C ARG A 59 13.74 33.33 9.05
N VAL A 60 14.08 34.30 8.23
CA VAL A 60 13.94 34.21 6.79
C VAL A 60 15.25 33.75 6.21
N PHE A 61 15.18 32.80 5.29
CA PHE A 61 16.31 32.34 4.50
C PHE A 61 16.00 32.63 3.03
N PHE A 62 17.00 33.10 2.30
CA PHE A 62 16.86 33.29 0.86
C PHE A 62 18.19 32.92 0.21
N TYR A 63 18.12 32.37 -1.00
CA TYR A 63 19.29 32.00 -1.74
C TYR A 63 19.04 32.27 -3.22
N ASP A 64 20.12 32.46 -3.97
CA ASP A 64 20.04 32.58 -5.41
C ASP A 64 20.16 31.20 -6.08
N LEU A 65 19.23 30.88 -6.97
CA LEU A 65 19.29 29.63 -7.70
C LEU A 65 20.64 29.47 -8.39
N LEU A 66 21.11 28.23 -8.49
CA LEU A 66 22.32 27.99 -9.28
C LEU A 66 22.10 28.52 -10.69
N GLY A 67 23.05 29.32 -11.17
CA GLY A 67 22.91 29.96 -12.48
C GLY A 67 22.32 31.35 -12.47
N TYR A 68 22.05 31.93 -11.29
CA TYR A 68 21.32 33.17 -11.15
C TYR A 68 21.95 34.06 -10.10
N GLY A 69 21.74 35.36 -10.26
CA GLY A 69 22.05 36.32 -9.20
C GLY A 69 23.51 36.30 -8.82
N GLN A 70 23.77 36.10 -7.53
CA GLN A 70 25.14 36.05 -7.02
C GLN A 70 25.68 34.64 -6.89
N SER A 71 24.88 33.63 -7.22
CA SER A 71 25.41 32.28 -7.23
C SER A 71 26.27 32.06 -8.47
N ASP A 72 27.05 30.99 -8.44
CA ASP A 72 27.85 30.63 -9.59
C ASP A 72 26.98 30.42 -10.82
N MET A 73 27.54 30.72 -11.97
CA MET A 73 26.87 30.56 -13.26
C MET A 73 27.69 29.60 -14.12
N PRO A 74 27.66 28.31 -13.80
CA PRO A 74 28.52 27.35 -14.50
C PRO A 74 27.93 26.94 -15.84
N ASP A 75 28.82 26.45 -16.69
CA ASP A 75 28.41 25.78 -17.92
C ASP A 75 28.06 24.34 -17.55
N ALA A 76 26.88 24.20 -16.93
CA ALA A 76 26.41 22.91 -16.41
C ALA A 76 24.89 22.97 -16.34
N ASP A 77 24.29 21.89 -15.86
CA ASP A 77 22.83 21.85 -15.66
C ASP A 77 22.42 22.86 -14.60
N VAL A 78 21.68 23.89 -15.02
CA VAL A 78 21.07 24.87 -14.10
C VAL A 78 19.56 24.86 -14.21
N SER A 79 19.00 23.85 -14.86
CA SER A 79 17.57 23.75 -15.14
C SER A 79 16.81 23.40 -13.86
N LEU A 80 15.48 23.37 -13.99
CA LEU A 80 14.64 22.93 -12.89
C LEU A 80 14.93 21.49 -12.47
N GLY A 81 15.54 20.70 -13.36
CA GLY A 81 15.95 19.36 -12.98
C GLY A 81 16.99 19.35 -11.88
N ARG A 82 17.77 20.43 -11.78
CA ARG A 82 18.81 20.58 -10.77
C ARG A 82 18.31 21.31 -9.53
N GLN A 83 17.42 22.28 -9.70
CA GLN A 83 17.16 23.24 -8.62
C GLN A 83 16.48 22.59 -7.43
N ASN A 84 15.66 21.56 -7.64
CA ASN A 84 15.04 20.95 -6.47
C ASN A 84 16.07 20.18 -5.65
N VAL A 85 17.12 19.66 -6.30
CA VAL A 85 18.19 19.00 -5.55
C VAL A 85 18.90 20.02 -4.65
N LEU A 86 19.18 21.20 -5.20
CA LEU A 86 19.81 22.26 -4.42
C LEU A 86 18.91 22.72 -3.29
N PHE A 87 17.62 22.91 -3.57
CA PHE A 87 16.68 23.37 -2.54
C PHE A 87 16.71 22.40 -1.35
N GLY A 88 16.57 21.10 -1.61
CA GLY A 88 16.63 20.12 -0.54
C GLY A 88 17.96 20.12 0.19
N ALA A 89 19.06 20.35 -0.54
CA ALA A 89 20.37 20.35 0.09
C ALA A 89 20.52 21.52 1.05
N LEU A 90 19.93 22.66 0.71
CA LEU A 90 20.00 23.83 1.59
C LEU A 90 19.14 23.62 2.83
N LEU A 91 17.94 23.05 2.67
CA LEU A 91 17.15 22.77 3.86
C LEU A 91 17.91 21.87 4.82
N ASP A 92 18.65 20.89 4.29
CA ASP A 92 19.46 20.02 5.16
CA ASP A 92 19.46 20.02 5.16
C ASP A 92 20.60 20.81 5.79
N GLU A 93 21.31 21.62 4.98
CA GLU A 93 22.41 22.41 5.51
C GLU A 93 21.95 23.33 6.63
N TRP A 94 20.83 24.01 6.41
CA TRP A 94 20.26 24.94 7.39
C TRP A 94 19.64 24.24 8.59
N LYS A 95 19.48 22.91 8.53
CA LYS A 95 18.86 22.14 9.60
C LYS A 95 17.47 22.67 9.91
N ILE A 96 16.66 22.91 8.88
CA ILE A 96 15.31 23.35 9.11
CA ILE A 96 15.30 23.42 8.93
C ILE A 96 14.32 22.27 8.71
N SER A 97 13.26 22.19 9.49
CA SER A 97 12.21 21.20 9.33
C SER A 97 10.87 21.91 9.15
N ARG A 98 10.06 21.43 8.21
CA ARG A 98 8.74 21.98 7.91
C ARG A 98 8.77 23.50 7.87
N PRO A 99 9.58 24.10 6.99
CA PRO A 99 9.60 25.55 6.88
C PRO A 99 8.31 26.08 6.29
N ARG A 100 7.99 27.33 6.62
CA ARG A 100 7.14 28.09 5.74
C ARG A 100 7.92 28.38 4.46
N VAL A 101 7.22 28.39 3.33
CA VAL A 101 7.88 28.60 2.04
C VAL A 101 7.14 29.70 1.29
N LEU A 102 7.90 30.58 0.67
CA LEU A 102 7.38 31.64 -0.19
C LEU A 102 8.19 31.58 -1.48
N ALA A 103 7.52 31.36 -2.62
CA ALA A 103 8.21 31.05 -3.86
C ALA A 103 7.51 31.69 -5.04
N HIS A 104 8.31 32.11 -6.03
CA HIS A 104 7.84 32.79 -7.23
C HIS A 104 8.32 32.06 -8.49
N ASP A 105 7.47 31.98 -9.52
CA ASP A 105 7.88 31.60 -10.90
C ASP A 105 8.56 30.23 -10.90
N TYR A 106 9.82 30.11 -11.38
CA TYR A 106 10.57 28.86 -11.30
C TYR A 106 10.89 28.46 -9.87
N GLY A 107 10.90 29.42 -8.94
CA GLY A 107 11.00 29.05 -7.53
C GLY A 107 9.79 28.25 -7.08
N GLY A 108 8.62 28.63 -7.57
CA GLY A 108 7.43 27.83 -7.32
C GLY A 108 7.54 26.42 -7.87
N ALA A 109 7.98 26.31 -9.13
CA ALA A 109 8.17 24.98 -9.71
C ALA A 109 9.11 24.16 -8.86
N THR A 110 10.19 24.79 -8.39
CA THR A 110 11.20 24.09 -7.61
C THR A 110 10.64 23.56 -6.29
N VAL A 111 9.88 24.39 -5.56
CA VAL A 111 9.34 23.91 -4.29
C VAL A 111 8.17 22.96 -4.53
N LEU A 112 7.46 23.08 -5.66
CA LEU A 112 6.42 22.09 -5.95
C LEU A 112 7.05 20.74 -6.28
N ARG A 113 8.12 20.75 -7.08
CA ARG A 113 8.88 19.53 -7.33
C ARG A 113 9.41 18.94 -6.03
N ALA A 114 9.99 19.77 -5.16
CA ALA A 114 10.61 19.24 -3.96
C ALA A 114 9.56 18.60 -3.04
N HIS A 115 8.35 19.17 -2.98
CA HIS A 115 7.32 18.53 -2.16
C HIS A 115 6.72 17.32 -2.87
N PHE A 116 6.26 17.50 -4.11
CA PHE A 116 5.45 16.45 -4.71
C PHE A 116 6.27 15.30 -5.26
N LEU A 117 7.52 15.56 -5.66
CA LEU A 117 8.42 14.52 -6.17
C LEU A 117 9.41 14.03 -5.14
N ASP A 118 9.95 14.91 -4.29
CA ASP A 118 10.97 14.52 -3.33
C ASP A 118 10.43 14.38 -1.91
N GLY A 119 9.14 14.69 -1.68
CA GLY A 119 8.52 14.42 -0.40
C GLY A 119 8.85 15.39 0.71
N ILE A 120 9.48 16.53 0.41
CA ILE A 120 9.85 17.47 1.47
C ILE A 120 8.60 18.10 2.05
N ALA A 121 8.51 18.13 3.38
CA ALA A 121 7.34 18.65 4.08
C ALA A 121 7.53 20.13 4.39
N TYR A 122 6.47 20.90 4.18
CA TYR A 122 6.42 22.31 4.55
C TYR A 122 5.36 22.48 5.63
N SER A 123 5.44 23.59 6.36
CA SER A 123 4.36 23.90 7.28
C SER A 123 3.33 24.83 6.65
N ASP A 124 3.69 25.49 5.57
CA ASP A 124 2.86 26.50 4.92
CA ASP A 124 2.80 26.40 4.86
C ASP A 124 3.49 26.83 3.58
N LEU A 125 2.68 27.15 2.57
CA LEU A 125 3.22 27.44 1.24
C LEU A 125 2.50 28.62 0.63
N THR A 126 3.26 29.66 0.29
CA THR A 126 2.74 30.79 -0.46
C THR A 126 3.44 30.82 -1.81
N LEU A 127 2.67 30.67 -2.88
CA LEU A 127 3.18 30.72 -4.24
C LEU A 127 2.77 32.06 -4.84
N VAL A 128 3.68 32.63 -5.64
CA VAL A 128 3.42 33.88 -6.37
C VAL A 128 3.65 33.60 -7.84
N ASN A 129 2.61 33.79 -8.65
CA ASN A 129 2.64 33.52 -10.09
C ASN A 129 3.58 32.38 -10.42
N PRO A 130 3.34 31.19 -9.88
CA PRO A 130 4.26 30.07 -10.10
C PRO A 130 4.15 29.51 -11.51
N VAL A 131 5.29 29.03 -12.01
CA VAL A 131 5.32 28.14 -13.16
C VAL A 131 5.03 26.75 -12.62
N ALA A 132 3.85 26.22 -12.94
CA ALA A 132 3.39 25.00 -12.28
C ALA A 132 2.58 24.11 -13.20
N ILE A 133 2.04 24.69 -14.27
CA ILE A 133 1.15 24.02 -15.22
C ILE A 133 1.80 24.06 -16.59
N ALA A 134 1.93 22.88 -17.23
CA ALA A 134 2.53 22.86 -18.55
C ALA A 134 1.47 23.04 -19.63
N PRO A 135 1.84 23.63 -20.79
CA PRO A 135 3.16 24.17 -21.08
C PRO A 135 3.30 25.63 -20.66
N GLN A 136 4.54 26.08 -20.46
CA GLN A 136 4.82 27.45 -20.07
C GLN A 136 6.04 27.95 -20.83
N GLY A 137 5.95 29.18 -21.33
CA GLY A 137 7.09 29.83 -21.96
C GLY A 137 6.69 30.99 -22.86
N SER A 138 7.31 32.14 -22.65
CA SER A 138 6.96 33.36 -23.39
C SER A 138 7.47 33.30 -24.83
N PRO A 139 6.97 34.18 -25.70
CA PRO A 139 7.49 34.22 -27.07
C PRO A 139 9.00 34.42 -27.13
N PHE A 140 9.53 35.30 -26.28
CA PHE A 140 10.96 35.56 -26.30
C PHE A 140 11.73 34.31 -25.91
N VAL A 141 11.31 33.66 -24.82
CA VAL A 141 12.00 32.46 -24.35
C VAL A 141 11.93 31.37 -25.42
N ARG A 142 10.78 31.20 -26.05
CA ARG A 142 10.64 30.10 -27.01
C ARG A 142 11.48 30.35 -28.26
N HIS A 143 11.58 31.60 -28.69
CA HIS A 143 12.42 31.90 -29.84
C HIS A 143 13.89 31.79 -29.51
N VAL A 144 14.29 32.40 -28.38
CA VAL A 144 15.71 32.51 -28.06
C VAL A 144 16.28 31.16 -27.67
N ALA A 145 15.44 30.27 -27.14
CA ALA A 145 15.92 28.92 -26.83
C ALA A 145 16.41 28.19 -28.07
N GLN A 146 15.96 28.59 -29.25
CA GLN A 146 16.35 27.95 -30.50
C GLN A 146 17.59 28.58 -31.14
N HIS A 147 18.15 29.63 -30.54
CA HIS A 147 19.25 30.37 -31.16
C HIS A 147 20.23 30.86 -30.10
N GLU A 148 20.62 29.97 -29.19
CA GLU A 148 21.41 30.40 -28.02
C GLU A 148 22.70 31.08 -28.45
N ALA A 149 23.47 30.44 -29.35
CA ALA A 149 24.75 31.00 -29.75
C ALA A 149 24.58 32.36 -30.43
N ALA A 150 23.52 32.52 -31.22
CA ALA A 150 23.28 33.77 -31.93
C ALA A 150 23.06 34.92 -30.95
N PHE A 151 22.35 34.68 -29.85
CA PHE A 151 22.07 35.76 -28.92
C PHE A 151 23.25 36.00 -27.96
N THR A 152 23.88 34.92 -27.48
CA THR A 152 25.05 35.08 -26.62
C THR A 152 26.14 35.89 -27.31
N GLY A 153 26.28 35.72 -28.63
CA GLY A 153 27.30 36.42 -29.39
C GLY A 153 27.05 37.90 -29.61
N LEU A 154 25.90 38.42 -29.16
CA LEU A 154 25.56 39.81 -29.39
C LEU A 154 26.56 40.74 -28.71
N PRO A 155 26.78 41.93 -29.26
CA PRO A 155 27.54 42.94 -28.54
C PRO A 155 26.81 43.37 -27.27
N ALA A 156 27.59 43.81 -26.29
CA ALA A 156 27.06 44.05 -24.95
C ALA A 156 25.82 44.93 -24.97
N TYR A 157 25.87 46.06 -25.69
CA TYR A 157 24.74 46.99 -25.64
C TYR A 157 23.47 46.39 -26.24
N ALA A 158 23.62 45.47 -27.20
CA ALA A 158 22.44 44.83 -27.78
C ALA A 158 21.86 43.79 -26.85
N HIS A 159 22.71 42.97 -26.23
CA HIS A 159 22.27 42.09 -25.16
C HIS A 159 21.61 42.89 -24.04
N HIS A 160 22.26 43.99 -23.66
CA HIS A 160 21.74 44.89 -22.65
C HIS A 160 20.31 45.32 -22.97
N ALA A 161 20.07 45.68 -24.23
CA ALA A 161 18.74 46.12 -24.65
C ALA A 161 17.73 44.99 -24.57
N LEU A 162 18.12 43.78 -24.99
CA LEU A 162 17.20 42.65 -24.96
C LEU A 162 16.86 42.25 -23.53
N VAL A 163 17.87 42.17 -22.66
CA VAL A 163 17.61 41.80 -21.27
C VAL A 163 16.68 42.84 -20.62
N SER A 164 16.97 44.12 -20.86
CA SER A 164 16.13 45.18 -20.33
C SER A 164 14.70 45.03 -20.80
N ALA A 165 14.51 44.81 -22.11
CA ALA A 165 13.16 44.70 -22.66
C ALA A 165 12.44 43.49 -22.10
N TYR A 166 13.14 42.35 -22.05
CA TYR A 166 12.55 41.12 -21.55
C TYR A 166 12.12 41.27 -20.09
N ILE A 167 13.01 41.80 -19.25
CA ILE A 167 12.64 42.03 -17.85
C ILE A 167 11.44 42.95 -17.76
N GLY A 168 11.39 43.98 -18.60
CA GLY A 168 10.27 44.90 -18.57
C GLY A 168 8.91 44.23 -18.84
N GLN A 169 8.92 43.10 -19.55
CA GLN A 169 7.66 42.40 -19.79
C GLN A 169 7.06 41.80 -18.53
N ALA A 170 7.85 41.68 -17.44
CA ALA A 170 7.37 41.04 -16.22
C ALA A 170 6.60 41.98 -15.31
N VAL A 171 6.58 43.29 -15.59
CA VAL A 171 5.93 44.24 -14.69
C VAL A 171 4.84 45.03 -15.42
N ALA A 172 3.79 45.36 -14.66
CA ALA A 172 2.74 46.25 -15.12
C ALA A 172 3.17 47.72 -15.03
N GLN A 173 3.87 48.08 -13.96
CA GLN A 173 4.40 49.43 -13.81
C GLN A 173 5.88 49.43 -14.17
N PRO A 174 6.31 50.22 -15.17
CA PRO A 174 7.73 50.20 -15.55
C PRO A 174 8.65 50.48 -14.38
N LEU A 175 9.76 49.74 -14.35
CA LEU A 175 10.76 49.89 -13.31
C LEU A 175 11.57 51.16 -13.54
N SER A 176 12.01 51.76 -12.43
CA SER A 176 13.04 52.77 -12.56
C SER A 176 14.32 52.12 -13.07
N ASP A 177 15.18 52.92 -13.69
CA ASP A 177 16.40 52.32 -14.21
C ASP A 177 17.28 51.80 -13.08
N ASP A 178 17.21 52.42 -11.89
CA ASP A 178 17.98 51.92 -10.76
C ASP A 178 17.50 50.53 -10.35
N VAL A 179 16.19 50.31 -10.30
CA VAL A 179 15.66 49.02 -9.92
C VAL A 179 15.90 48.01 -11.03
N LEU A 180 15.68 48.41 -12.29
CA LEU A 180 15.95 47.51 -13.39
C LEU A 180 17.40 47.03 -13.37
N SER A 181 18.33 47.93 -13.01
CA SER A 181 19.74 47.57 -12.94
C SER A 181 19.98 46.43 -11.97
N ILE A 182 19.25 46.42 -10.84
CA ILE A 182 19.44 45.37 -9.84
C ILE A 182 19.26 44.00 -10.46
N TYR A 183 18.26 43.85 -11.34
CA TYR A 183 17.95 42.56 -11.95
C TYR A 183 18.76 42.30 -13.22
N ARG A 184 19.13 43.36 -13.94
CA ARG A 184 19.85 43.19 -15.20
C ARG A 184 21.33 42.90 -14.99
N ALA A 185 21.94 43.55 -14.00
CA ALA A 185 23.40 43.53 -13.87
C ALA A 185 24.00 42.12 -13.85
N PRO A 186 23.45 41.13 -13.15
CA PRO A 186 24.11 39.81 -13.15
C PRO A 186 24.28 39.22 -14.53
N TRP A 187 23.45 39.63 -15.49
CA TRP A 187 23.43 39.07 -16.83
C TRP A 187 24.33 39.81 -17.81
N LEU A 188 25.06 40.83 -17.37
CA LEU A 188 25.78 41.69 -18.30
C LEU A 188 27.28 41.37 -18.40
N THR A 189 27.84 40.64 -17.44
CA THR A 189 29.21 40.19 -17.60
C THR A 189 29.28 39.16 -18.72
N PRO A 190 30.48 38.91 -19.26
CA PRO A 190 30.59 37.83 -20.26
C PRO A 190 30.02 36.50 -19.76
N ALA A 191 30.35 36.12 -18.52
CA ALA A 191 29.78 34.89 -17.96
C ALA A 191 28.28 35.01 -17.76
N GLY A 192 27.81 36.19 -17.32
CA GLY A 192 26.38 36.36 -17.09
C GLY A 192 25.59 36.39 -18.39
N GLN A 193 26.18 36.94 -19.44
CA GLN A 193 25.51 36.96 -20.73
C GLN A 193 25.30 35.54 -21.24
N ALA A 194 26.35 34.72 -21.16
CA ALA A 194 26.21 33.31 -21.53
C ALA A 194 25.23 32.59 -20.61
N ALA A 195 25.28 32.89 -19.31
CA ALA A 195 24.38 32.21 -18.38
C ALA A 195 22.91 32.56 -18.65
N PHE A 196 22.65 33.78 -19.13
CA PHE A 196 21.27 34.19 -19.38
C PHE A 196 20.63 33.32 -20.46
N TYR A 197 21.31 33.19 -21.61
CA TYR A 197 20.76 32.38 -22.68
C TYR A 197 20.85 30.90 -22.37
N ARG A 198 21.84 30.49 -21.58
CA ARG A 198 21.96 29.09 -21.19
C ARG A 198 20.74 28.61 -20.41
N GLN A 199 20.32 29.38 -19.40
CA GLN A 199 19.19 28.90 -18.59
C GLN A 199 17.89 28.94 -19.39
N ILE A 200 17.84 29.74 -20.45
CA ILE A 200 16.69 29.67 -21.36
C ILE A 200 16.77 28.40 -22.21
N ALA A 201 17.95 28.11 -22.77
CA ALA A 201 18.08 26.95 -23.64
C ALA A 201 17.87 25.64 -22.89
N GLN A 202 18.10 25.62 -21.57
CA GLN A 202 17.93 24.39 -20.80
C GLN A 202 16.48 24.18 -20.35
N MET A 203 15.57 25.12 -20.60
CA MET A 203 14.20 24.93 -20.14
C MET A 203 13.56 23.76 -20.85
N ARG A 204 12.76 22.98 -20.11
CA ARG A 204 12.06 21.81 -20.63
C ARG A 204 10.73 21.68 -19.90
N GLN A 205 9.65 21.39 -20.64
CA GLN A 205 8.33 21.26 -20.01
C GLN A 205 8.27 20.07 -19.05
N ARG A 206 9.09 19.03 -19.25
CA ARG A 206 8.96 17.82 -18.44
C ARG A 206 9.19 18.10 -16.95
N TYR A 207 10.00 19.11 -16.61
CA TYR A 207 10.24 19.39 -15.20
C TYR A 207 8.97 19.83 -14.50
N ILE A 208 8.13 20.60 -15.19
CA ILE A 208 6.81 20.97 -14.70
C ILE A 208 5.85 19.78 -14.78
N GLU A 209 5.85 19.07 -15.92
CA GLU A 209 4.89 17.99 -16.12
C GLU A 209 5.02 16.91 -15.06
N ASP A 210 6.26 16.58 -14.67
CA ASP A 210 6.45 15.53 -13.66
C ASP A 210 5.78 15.90 -12.35
N ALA A 211 5.93 17.15 -11.93
CA ALA A 211 5.28 17.61 -10.70
C ALA A 211 3.77 17.69 -10.88
N GLU A 212 3.33 18.27 -12.00
CA GLU A 212 1.90 18.46 -12.23
C GLU A 212 1.14 17.15 -12.13
N ALA A 213 1.74 16.04 -12.57
CA ALA A 213 1.08 14.75 -12.53
C ALA A 213 0.68 14.36 -11.11
N ARG A 214 1.32 14.94 -10.11
CA ARG A 214 1.10 14.54 -8.72
C ARG A 214 0.32 15.57 -7.92
N TYR A 215 -0.12 16.67 -8.53
CA TYR A 215 -0.76 17.73 -7.74
C TYR A 215 -2.04 17.23 -7.08
N ALA A 216 -2.16 17.55 -5.80
CA ALA A 216 -3.36 17.41 -5.01
C ALA A 216 -3.21 18.34 -3.83
N PRO A 217 -4.27 18.67 -3.10
CA PRO A 217 -4.11 19.50 -1.89
C PRO A 217 -3.09 18.85 -0.96
N PRO A 218 -2.06 19.58 -0.58
CA PRO A 218 -1.02 19.02 0.29
C PRO A 218 -1.48 19.01 1.74
N ASP A 219 -0.63 18.50 2.62
CA ASP A 219 -1.01 18.38 4.01
C ASP A 219 -0.66 19.62 4.83
N PHE A 220 -0.37 20.73 4.16
CA PHE A 220 -0.13 22.01 4.80
C PHE A 220 -0.95 23.07 4.07
N PRO A 221 -1.23 24.19 4.74
CA PRO A 221 -1.97 25.26 4.06
C PRO A 221 -1.19 25.79 2.87
N VAL A 222 -1.92 26.17 1.83
CA VAL A 222 -1.30 26.70 0.61
C VAL A 222 -2.18 27.83 0.08
N ARG A 223 -1.53 28.89 -0.39
CA ARG A 223 -2.22 29.99 -1.04
C ARG A 223 -1.41 30.43 -2.23
N ILE A 224 -2.09 30.99 -3.22
CA ILE A 224 -1.46 31.38 -4.48
C ILE A 224 -1.78 32.85 -4.71
N VAL A 225 -0.74 33.67 -4.73
CA VAL A 225 -0.85 35.08 -5.08
C VAL A 225 -0.67 35.20 -6.59
N TRP A 226 -1.58 35.93 -7.26
CA TRP A 226 -1.55 35.94 -8.72
C TRP A 226 -1.71 37.36 -9.25
N GLY A 227 -0.64 37.90 -9.84
CA GLY A 227 -0.72 39.18 -10.51
C GLY A 227 -1.54 39.01 -11.78
N GLU A 228 -2.68 39.70 -11.87
CA GLU A 228 -3.66 39.43 -12.92
C GLU A 228 -3.14 39.77 -14.31
N ASP A 229 -2.19 40.68 -14.42
CA ASP A 229 -1.73 41.16 -15.72
C ASP A 229 -0.47 40.47 -16.19
N ASP A 230 -0.12 39.34 -15.58
CA ASP A 230 1.05 38.55 -15.97
C ASP A 230 1.09 38.35 -17.48
N ARG A 231 2.14 38.86 -18.13
CA ARG A 231 2.31 38.66 -19.57
C ARG A 231 2.90 37.31 -19.92
N TRP A 232 3.44 36.59 -18.94
CA TRP A 232 4.16 35.34 -19.19
C TRP A 232 3.37 34.08 -18.84
N ILE A 233 2.35 34.19 -18.00
CA ILE A 233 1.53 33.03 -17.63
C ILE A 233 0.07 33.44 -17.67
N PRO A 234 -0.78 32.78 -18.44
CA PRO A 234 -2.19 33.17 -18.48
C PRO A 234 -2.89 32.86 -17.17
N LEU A 235 -3.86 33.71 -16.82
CA LEU A 235 -4.61 33.53 -15.58
C LEU A 235 -5.22 32.14 -15.48
N GLU A 236 -5.67 31.60 -16.62
CA GLU A 236 -6.32 30.29 -16.60
C GLU A 236 -5.42 29.21 -16.03
N GLN A 237 -4.10 29.31 -16.26
CA GLN A 237 -3.20 28.30 -15.69
C GLN A 237 -3.04 28.50 -14.19
N GLY A 238 -3.07 29.75 -13.73
CA GLY A 238 -3.09 29.99 -12.30
C GLY A 238 -4.33 29.42 -11.65
N GLN A 239 -5.51 29.62 -12.27
CA GLN A 239 -6.73 29.04 -11.73
C GLN A 239 -6.69 27.52 -11.75
N ALA A 240 -6.13 26.94 -12.81
CA ALA A 240 -6.00 25.49 -12.89
C ALA A 240 -5.17 24.95 -11.74
N LEU A 241 -4.07 25.64 -11.39
CA LEU A 241 -3.29 25.21 -10.23
C LEU A 241 -4.08 25.36 -8.95
N ALA A 242 -4.80 26.47 -8.79
CA ALA A 242 -5.58 26.65 -7.56
C ALA A 242 -6.66 25.58 -7.45
N ASP A 243 -7.25 25.20 -8.58
CA ASP A 243 -8.22 24.11 -8.60
C ASP A 243 -7.61 22.80 -8.10
N ARG A 244 -6.34 22.55 -8.44
CA ARG A 244 -5.72 21.26 -8.12
C ARG A 244 -5.22 21.19 -6.68
N ILE A 245 -4.72 22.29 -6.12
CA ILE A 245 -4.03 22.18 -4.84
C ILE A 245 -4.57 23.15 -3.78
N ALA A 246 -5.44 24.09 -4.17
CA ALA A 246 -5.84 25.14 -3.22
C ALA A 246 -7.36 25.34 -3.21
N ASN A 247 -8.13 24.31 -3.53
CA ASN A 247 -9.59 24.38 -3.45
C ASN A 247 -10.15 25.52 -4.30
N GLY A 248 -9.47 25.85 -5.40
CA GLY A 248 -9.93 26.86 -6.34
C GLY A 248 -9.64 28.28 -5.97
N LYS A 249 -8.92 28.52 -4.87
CA LYS A 249 -8.70 29.87 -4.36
C LYS A 249 -7.45 30.49 -4.95
N LEU A 250 -7.60 31.69 -5.50
CA LEU A 250 -6.48 32.55 -5.87
C LEU A 250 -6.60 33.85 -5.10
N ILE A 251 -5.48 34.37 -4.62
CA ILE A 251 -5.43 35.74 -4.12
C ILE A 251 -5.05 36.61 -5.31
N ARG A 252 -6.05 37.19 -5.96
CA ARG A 252 -5.80 37.99 -7.16
CA ARG A 252 -5.79 37.98 -7.16
C ARG A 252 -5.20 39.34 -6.80
N VAL A 253 -4.21 39.76 -7.58
CA VAL A 253 -3.64 41.08 -7.39
C VAL A 253 -3.89 41.92 -8.64
N PRO A 254 -4.82 42.86 -8.59
CA PRO A 254 -5.08 43.71 -9.76
C PRO A 254 -3.89 44.63 -10.06
N ARG A 255 -3.77 44.98 -11.34
CA ARG A 255 -2.75 45.92 -11.81
C ARG A 255 -1.35 45.48 -11.40
N ALA A 256 -1.14 44.16 -11.38
CA ALA A 256 0.18 43.61 -11.10
C ALA A 256 0.49 42.56 -12.16
N GLY A 257 1.71 42.58 -12.66
CA GLY A 257 2.17 41.63 -13.64
C GLY A 257 2.81 40.41 -13.00
N HIS A 258 3.67 39.76 -13.77
CA HIS A 258 4.35 38.56 -13.29
C HIS A 258 5.15 38.84 -12.02
N LEU A 259 5.88 39.94 -12.01
CA LEU A 259 6.78 40.26 -10.89
C LEU A 259 6.00 41.08 -9.86
N VAL A 260 5.12 40.36 -9.16
CA VAL A 260 4.31 41.01 -8.13
C VAL A 260 5.19 41.68 -7.09
N GLN A 261 6.40 41.18 -6.88
CA GLN A 261 7.31 41.78 -5.91
C GLN A 261 7.60 43.26 -6.21
N GLU A 262 7.58 43.65 -7.49
CA GLU A 262 7.80 45.04 -7.83
C GLU A 262 6.49 45.81 -7.98
N ASP A 263 5.48 45.21 -8.61
CA ASP A 263 4.21 45.92 -8.81
C ASP A 263 3.43 46.07 -7.51
N ALA A 264 3.51 45.10 -6.63
CA ALA A 264 2.66 45.11 -5.45
C ALA A 264 3.25 44.25 -4.34
N PRO A 265 4.47 44.54 -3.86
CA PRO A 265 5.03 43.73 -2.78
C PRO A 265 4.13 43.64 -1.56
N GLU A 266 3.33 44.67 -1.30
CA GLU A 266 2.42 44.65 -0.17
C GLU A 266 1.43 43.49 -0.24
N ALA A 267 1.09 43.04 -1.45
CA ALA A 267 0.16 41.91 -1.59
C ALA A 267 0.78 40.64 -1.04
N ILE A 268 2.07 40.45 -1.28
CA ILE A 268 2.74 39.24 -0.83
C ILE A 268 2.93 39.29 0.68
N VAL A 269 3.32 40.45 1.20
CA VAL A 269 3.42 40.64 2.63
C VAL A 269 2.08 40.33 3.29
N ALA A 270 0.99 40.85 2.72
CA ALA A 270 -0.33 40.58 3.30
C ALA A 270 -0.66 39.08 3.24
N ALA A 271 -0.36 38.43 2.11
CA ALA A 271 -0.76 37.04 1.96
C ALA A 271 -0.05 36.14 2.97
N VAL A 272 1.23 36.42 3.24
CA VAL A 272 1.98 35.60 4.18
C VAL A 272 1.60 35.92 5.62
N LEU A 273 1.49 37.21 5.94
CA LEU A 273 1.32 37.64 7.32
C LEU A 273 -0.13 37.64 7.76
N ASP A 274 -1.08 37.84 6.84
CA ASP A 274 -2.48 37.85 7.20
C ASP A 274 -3.08 36.46 7.15
N ARG A 275 -2.25 35.42 7.23
CA ARG A 275 -2.73 34.05 7.28
C ARG A 275 -3.62 33.84 8.50
N HIS B 6 2.47 -9.66 17.74
CA HIS B 6 1.14 -9.18 17.36
C HIS B 6 1.02 -8.95 15.86
N HIS B 7 -0.21 -8.75 15.40
CA HIS B 7 -0.43 -8.42 14.00
C HIS B 7 0.03 -6.99 13.72
N HIS B 8 0.54 -6.79 12.50
CA HIS B 8 1.22 -5.56 12.15
C HIS B 8 0.23 -4.41 12.10
N MET B 9 0.78 -3.22 12.29
CA MET B 9 -0.01 -2.02 12.35
C MET B 9 -0.47 -1.61 10.96
N LEU B 10 -1.69 -1.10 10.90
CA LEU B 10 -2.17 -0.49 9.68
C LEU B 10 -1.28 0.66 9.30
N ASP B 11 -0.99 0.76 8.00
CA ASP B 11 -0.19 1.85 7.47
C ASP B 11 -1.10 3.03 7.15
N LEU B 12 -0.97 4.11 7.91
CA LEU B 12 -1.65 5.35 7.62
C LEU B 12 -0.61 6.24 6.95
N ALA B 13 -0.46 6.03 5.65
CA ALA B 13 0.64 6.63 4.91
C ALA B 13 0.39 8.08 4.54
N ASN B 14 -0.85 8.56 4.63
CA ASN B 14 -1.21 9.86 4.08
C ASN B 14 -1.49 10.86 5.19
N ARG B 15 -1.42 12.14 4.83
CA ARG B 15 -1.73 13.22 5.76
C ARG B 15 -2.65 14.20 5.05
N PHE B 16 -3.73 14.58 5.74
CA PHE B 16 -4.71 15.53 5.25
C PHE B 16 -4.63 16.79 6.09
N ASN B 17 -4.72 17.94 5.43
CA ASN B 17 -4.71 19.24 6.13
C ASN B 17 -6.12 19.57 6.56
N PHE B 18 -6.40 19.43 7.86
CA PHE B 18 -7.69 19.82 8.42
C PHE B 18 -7.48 21.10 9.23
N GLU B 19 -7.80 22.23 8.64
CA GLU B 19 -7.79 23.52 9.34
C GLU B 19 -6.43 23.78 9.99
N GLY B 20 -5.36 23.45 9.27
CA GLY B 20 -4.01 23.65 9.77
C GLY B 20 -3.45 22.51 10.60
N HIS B 21 -4.18 21.40 10.72
CA HIS B 21 -3.74 20.24 11.49
C HIS B 21 -3.57 19.05 10.55
N ARG B 22 -2.50 18.29 10.75
CA ARG B 22 -2.31 17.08 9.96
C ARG B 22 -3.15 15.95 10.54
N ILE B 23 -3.84 15.22 9.66
CA ILE B 23 -4.68 14.08 10.01
C ILE B 23 -4.09 12.88 9.30
N ALA B 24 -3.79 11.83 10.06
CA ALA B 24 -3.25 10.61 9.46
C ALA B 24 -4.36 9.76 8.90
N TRP B 25 -4.16 9.20 7.71
CA TRP B 25 -5.16 8.32 7.14
C TRP B 25 -4.49 7.34 6.18
N GLY B 26 -5.18 6.24 5.90
CA GLY B 26 -4.66 5.29 4.94
C GLY B 26 -5.83 4.56 4.30
N THR B 27 -5.51 3.73 3.31
CA THR B 27 -6.52 2.95 2.61
CA THR B 27 -6.52 2.94 2.62
C THR B 27 -5.97 1.57 2.28
N LEU B 28 -6.89 0.62 2.12
CA LEU B 28 -6.58 -0.72 1.64
C LEU B 28 -7.67 -1.14 0.68
N GLY B 29 -7.30 -1.93 -0.31
CA GLY B 29 -8.30 -2.56 -1.16
C GLY B 29 -8.78 -1.66 -2.28
N GLU B 30 -9.67 -2.23 -3.10
CA GLU B 30 -10.34 -1.52 -4.17
C GLU B 30 -11.81 -1.92 -4.15
N GLY B 31 -12.66 -1.06 -4.70
CA GLY B 31 -14.07 -1.33 -4.75
C GLY B 31 -14.90 -0.27 -4.07
N PRO B 32 -16.13 -0.60 -3.73
CA PRO B 32 -17.01 0.38 -3.10
C PRO B 32 -16.42 0.87 -1.79
N PRO B 33 -16.62 2.14 -1.45
CA PRO B 33 -15.96 2.71 -0.28
C PRO B 33 -16.55 2.22 1.04
N LEU B 34 -15.68 2.02 2.01
CA LEU B 34 -16.04 1.65 3.37
C LEU B 34 -15.12 2.43 4.29
N VAL B 35 -15.72 3.23 5.18
CA VAL B 35 -14.97 4.15 6.03
C VAL B 35 -15.02 3.66 7.45
N LEU B 36 -13.85 3.58 8.09
CA LEU B 36 -13.69 3.05 9.44
C LEU B 36 -13.31 4.20 10.38
N VAL B 37 -14.04 4.32 11.49
CA VAL B 37 -13.89 5.44 12.41
C VAL B 37 -13.72 4.88 13.81
N HIS B 38 -12.59 5.19 14.45
CA HIS B 38 -12.29 4.66 15.78
C HIS B 38 -12.82 5.57 16.88
N GLY B 39 -12.60 5.16 18.12
CA GLY B 39 -13.03 5.92 19.28
C GLY B 39 -11.91 6.22 20.27
N THR B 40 -12.29 6.62 21.50
CA THR B 40 -11.29 7.04 22.47
C THR B 40 -11.05 5.96 23.52
N PRO B 41 -9.81 5.83 24.05
CA PRO B 41 -8.60 6.59 23.68
C PRO B 41 -7.73 5.82 22.69
N PHE B 42 -8.29 5.44 21.54
CA PHE B 42 -7.60 4.52 20.65
C PHE B 42 -7.20 5.22 19.35
N SER B 43 -7.17 4.46 18.26
CA SER B 43 -6.65 4.91 16.97
C SER B 43 -7.19 3.96 15.91
N SER B 44 -6.78 4.18 14.67
CA SER B 44 -7.14 3.26 13.59
C SER B 44 -6.53 1.88 13.78
N GLN B 45 -5.57 1.73 14.70
CA GLN B 45 -4.99 0.41 14.90
C GLN B 45 -6.01 -0.57 15.46
N VAL B 46 -7.15 -0.09 15.98
CA VAL B 46 -8.19 -1.04 16.36
C VAL B 46 -8.71 -1.84 15.17
N TRP B 47 -8.42 -1.41 13.96
CA TRP B 47 -8.89 -2.12 12.78
C TRP B 47 -7.80 -2.97 12.13
N ARG B 48 -6.66 -3.16 12.80
CA ARG B 48 -5.56 -3.83 12.12
CA ARG B 48 -5.54 -3.85 12.17
C ARG B 48 -5.87 -5.28 11.79
N ARG B 49 -6.78 -5.92 12.53
CA ARG B 49 -7.14 -7.29 12.22
C ARG B 49 -8.48 -7.37 11.50
N ILE B 50 -9.05 -6.23 11.16
CA ILE B 50 -10.37 -6.16 10.55
C ILE B 50 -10.31 -5.58 9.15
N ALA B 51 -9.66 -4.42 9.01
CA ALA B 51 -9.58 -3.74 7.71
C ALA B 51 -9.02 -4.63 6.60
N PRO B 52 -7.97 -5.43 6.80
CA PRO B 52 -7.48 -6.26 5.68
C PRO B 52 -8.53 -7.21 5.14
N TRP B 53 -9.43 -7.70 5.98
CA TRP B 53 -10.43 -8.65 5.49
C TRP B 53 -11.60 -7.94 4.84
N LEU B 54 -11.91 -6.72 5.28
CA LEU B 54 -12.94 -5.95 4.61
C LEU B 54 -12.46 -5.40 3.28
N ALA B 55 -11.13 -5.33 3.07
CA ALA B 55 -10.55 -4.76 1.85
C ALA B 55 -10.59 -5.73 0.67
N ARG B 56 -10.92 -7.00 0.89
CA ARG B 56 -10.91 -7.92 -0.22
C ARG B 56 -11.92 -7.51 -1.28
N ARG B 57 -13.02 -6.88 -0.89
CA ARG B 57 -14.02 -6.43 -1.86
C ARG B 57 -14.41 -4.95 -1.71
N HIS B 58 -13.75 -4.18 -0.85
CA HIS B 58 -14.06 -2.78 -0.67
C HIS B 58 -12.77 -1.96 -0.71
N ARG B 59 -12.90 -0.69 -1.05
CA ARG B 59 -11.82 0.26 -0.77
CA ARG B 59 -11.83 0.27 -0.78
C ARG B 59 -12.05 0.79 0.63
N VAL B 60 -11.19 0.39 1.56
CA VAL B 60 -11.37 0.71 2.97
C VAL B 60 -10.57 1.95 3.31
N PHE B 61 -11.22 2.93 3.94
CA PHE B 61 -10.57 4.15 4.39
C PHE B 61 -10.54 4.15 5.91
N PHE B 62 -9.43 4.59 6.49
CA PHE B 62 -9.38 4.75 7.93
C PHE B 62 -8.51 5.96 8.23
N TYR B 63 -8.85 6.66 9.32
CA TYR B 63 -8.09 7.83 9.71
C TYR B 63 -8.08 7.92 11.22
N ASP B 64 -7.10 8.65 11.75
CA ASP B 64 -7.05 8.88 13.19
C ASP B 64 -7.72 10.21 13.50
N LEU B 65 -8.66 10.17 14.45
CA LEU B 65 -9.34 11.39 14.90
C LEU B 65 -8.34 12.46 15.28
N LEU B 66 -8.67 13.72 15.01
CA LEU B 66 -7.85 14.81 15.51
C LEU B 66 -7.71 14.67 17.03
N GLY B 67 -6.47 14.72 17.50
CA GLY B 67 -6.19 14.50 18.91
C GLY B 67 -5.78 13.08 19.27
N TYR B 68 -5.75 12.16 18.31
CA TYR B 68 -5.57 10.74 18.59
C TYR B 68 -4.54 10.11 17.66
N GLY B 69 -3.95 9.02 18.13
CA GLY B 69 -3.15 8.15 17.27
C GLY B 69 -1.99 8.88 16.62
N GLN B 70 -1.95 8.83 15.29
CA GLN B 70 -0.89 9.45 14.50
C GLN B 70 -1.29 10.81 13.97
N SER B 71 -2.50 11.26 14.26
CA SER B 71 -2.87 12.61 13.86
C SER B 71 -2.29 13.61 14.85
N ASP B 72 -2.34 14.89 14.47
CA ASP B 72 -1.82 15.91 15.36
C ASP B 72 -2.61 15.93 16.67
N MET B 73 -1.93 16.33 17.74
CA MET B 73 -2.52 16.44 19.07
C MET B 73 -2.40 17.89 19.52
N PRO B 74 -3.22 18.77 18.98
CA PRO B 74 -3.09 20.20 19.30
C PRO B 74 -3.79 20.57 20.60
N ASP B 75 -3.29 21.66 21.18
CA ASP B 75 -3.97 22.35 22.28
C ASP B 75 -5.09 23.17 21.67
N ALA B 76 -6.14 22.46 21.29
CA ALA B 76 -7.26 23.00 20.51
C ALA B 76 -8.44 22.07 20.74
N ASP B 77 -9.58 22.43 20.15
CA ASP B 77 -10.79 21.63 20.29
C ASP B 77 -10.62 20.31 19.53
N VAL B 78 -10.58 19.19 20.26
CA VAL B 78 -10.51 17.86 19.70
C VAL B 78 -11.73 17.04 20.09
N SER B 79 -12.78 17.70 20.57
CA SER B 79 -13.98 17.07 21.10
C SER B 79 -14.86 16.56 19.96
N LEU B 80 -15.94 15.88 20.36
CA LEU B 80 -16.95 15.45 19.39
C LEU B 80 -17.54 16.63 18.61
N GLY B 81 -17.51 17.84 19.18
CA GLY B 81 -17.93 19.00 18.43
C GLY B 81 -17.07 19.30 17.22
N ARG B 82 -15.82 18.85 17.24
CA ARG B 82 -14.91 19.00 16.10
C ARG B 82 -14.94 17.80 15.16
N GLN B 83 -15.07 16.60 15.71
CA GLN B 83 -14.79 15.41 14.91
C GLN B 83 -15.75 15.24 13.74
N ASN B 84 -17.02 15.65 13.88
CA ASN B 84 -17.92 15.44 12.74
C ASN B 84 -17.57 16.38 11.59
N VAL B 85 -17.00 17.55 11.89
CA VAL B 85 -16.54 18.45 10.83
C VAL B 85 -15.43 17.80 10.03
N LEU B 86 -14.45 17.22 10.74
CA LEU B 86 -13.34 16.52 10.10
C LEU B 86 -13.84 15.33 9.29
N PHE B 87 -14.75 14.54 9.86
CA PHE B 87 -15.27 13.39 9.14
C PHE B 87 -15.88 13.82 7.81
N GLY B 88 -16.69 14.89 7.83
CA GLY B 88 -17.27 15.36 6.58
C GLY B 88 -16.24 15.88 5.60
N ALA B 89 -15.20 16.55 6.12
CA ALA B 89 -14.17 17.08 5.24
C ALA B 89 -13.38 15.96 4.57
N LEU B 90 -13.19 14.85 5.27
CA LEU B 90 -12.49 13.72 4.67
C LEU B 90 -13.33 13.06 3.60
N LEU B 91 -14.62 12.84 3.86
CA LEU B 91 -15.47 12.25 2.82
C LEU B 91 -15.43 13.11 1.55
N ASP B 92 -15.44 14.43 1.72
CA ASP B 92 -15.37 15.31 0.56
CA ASP B 92 -15.37 15.32 0.56
C ASP B 92 -14.01 15.24 -0.12
N GLU B 93 -12.92 15.21 0.67
CA GLU B 93 -11.58 15.10 0.10
C GLU B 93 -11.42 13.79 -0.68
N TRP B 94 -11.93 12.70 -0.11
CA TRP B 94 -11.84 11.38 -0.73
C TRP B 94 -12.82 11.20 -1.90
N LYS B 95 -13.71 12.18 -2.12
CA LYS B 95 -14.67 12.13 -3.23
C LYS B 95 -15.54 10.88 -3.17
N ILE B 96 -15.93 10.47 -1.97
CA ILE B 96 -16.77 9.28 -1.86
C ILE B 96 -18.18 9.70 -1.49
N SER B 97 -19.14 8.93 -2.01
CA SER B 97 -20.55 9.22 -1.86
C SER B 97 -21.23 7.99 -1.30
N ARG B 98 -22.15 8.20 -0.36
CA ARG B 98 -22.90 7.13 0.26
CA ARG B 98 -22.90 7.13 0.26
C ARG B 98 -22.02 5.95 0.66
N PRO B 99 -20.98 6.19 1.46
CA PRO B 99 -20.10 5.08 1.87
C PRO B 99 -20.80 4.12 2.80
N ARG B 100 -20.31 2.88 2.81
CA ARG B 100 -20.52 2.03 3.96
C ARG B 100 -19.68 2.59 5.11
N VAL B 101 -20.20 2.49 6.33
CA VAL B 101 -19.51 3.06 7.48
C VAL B 101 -19.43 2.00 8.58
N LEU B 102 -18.25 1.90 9.21
CA LEU B 102 -18.05 1.05 10.37
C LEU B 102 -17.40 1.91 11.43
N ALA B 103 -18.06 2.07 12.58
CA ALA B 103 -17.62 3.02 13.61
C ALA B 103 -17.77 2.45 15.01
N HIS B 104 -16.83 2.81 15.88
CA HIS B 104 -16.78 2.37 17.27
C HIS B 104 -16.81 3.56 18.23
N ASP B 105 -17.53 3.44 19.36
CA ASP B 105 -17.38 4.33 20.52
C ASP B 105 -17.61 5.79 20.10
N TYR B 106 -16.64 6.70 20.33
CA TYR B 106 -16.75 8.08 19.87
C TYR B 106 -16.76 8.18 18.35
N GLY B 107 -16.22 7.19 17.66
CA GLY B 107 -16.40 7.15 16.21
C GLY B 107 -17.85 6.97 15.85
N GLY B 108 -18.57 6.16 16.62
CA GLY B 108 -20.02 6.05 16.42
C GLY B 108 -20.73 7.37 16.65
N ALA B 109 -20.43 8.04 17.76
CA ALA B 109 -21.00 9.35 18.00
C ALA B 109 -20.74 10.28 16.81
N THR B 110 -19.53 10.24 16.27
CA THR B 110 -19.15 11.13 15.18
C THR B 110 -19.95 10.85 13.91
N VAL B 111 -20.10 9.57 13.53
CA VAL B 111 -20.83 9.31 12.29
C VAL B 111 -22.33 9.45 12.50
N LEU B 112 -22.81 9.25 13.74
CA LEU B 112 -24.20 9.57 14.01
C LEU B 112 -24.45 11.08 13.93
N ARG B 113 -23.54 11.88 14.48
CA ARG B 113 -23.69 13.34 14.36
C ARG B 113 -23.60 13.77 12.91
N ALA B 114 -22.67 13.18 12.15
CA ALA B 114 -22.49 13.58 10.75
C ALA B 114 -23.73 13.25 9.93
N HIS B 115 -24.40 12.14 10.24
CA HIS B 115 -25.61 11.81 9.50
C HIS B 115 -26.82 12.63 9.97
N PHE B 116 -27.11 12.59 11.28
CA PHE B 116 -28.37 13.14 11.76
C PHE B 116 -28.34 14.64 11.94
N LEU B 117 -27.17 15.24 12.15
CA LEU B 117 -27.03 16.68 12.28
C LEU B 117 -26.52 17.35 11.01
N ASP B 118 -25.58 16.73 10.31
CA ASP B 118 -25.00 17.35 9.12
C ASP B 118 -25.54 16.77 7.81
N GLY B 119 -26.37 15.74 7.87
CA GLY B 119 -27.11 15.29 6.70
C GLY B 119 -26.36 14.40 5.74
N ILE B 120 -25.20 13.85 6.12
CA ILE B 120 -24.44 13.00 5.22
C ILE B 120 -25.14 11.65 5.05
N ALA B 121 -25.34 11.25 3.80
CA ALA B 121 -25.99 9.98 3.52
C ALA B 121 -24.97 8.86 3.48
N TYR B 122 -25.33 7.71 4.05
CA TYR B 122 -24.52 6.50 3.99
C TYR B 122 -25.28 5.45 3.20
N SER B 123 -24.57 4.41 2.76
CA SER B 123 -25.29 3.28 2.18
C SER B 123 -25.49 2.15 3.18
N ASP B 124 -24.82 2.21 4.33
CA ASP B 124 -24.81 1.11 5.28
C ASP B 124 -24.04 1.57 6.49
N LEU B 125 -24.51 1.20 7.68
CA LEU B 125 -23.85 1.67 8.91
C LEU B 125 -23.75 0.52 9.89
N THR B 126 -22.52 0.17 10.27
CA THR B 126 -22.26 -0.81 11.30
C THR B 126 -21.64 -0.06 12.47
N LEU B 127 -22.30 -0.11 13.62
CA LEU B 127 -21.81 0.51 14.83
C LEU B 127 -21.32 -0.57 15.78
N VAL B 128 -20.22 -0.31 16.47
CA VAL B 128 -19.69 -1.22 17.48
C VAL B 128 -19.66 -0.46 18.79
N ASN B 129 -20.37 -0.98 19.81
CA ASN B 129 -20.48 -0.35 21.12
C ASN B 129 -20.39 1.16 21.05
N PRO B 130 -21.28 1.81 20.32
CA PRO B 130 -21.16 3.24 20.10
C PRO B 130 -21.54 4.04 21.33
N VAL B 131 -20.92 5.23 21.45
CA VAL B 131 -21.40 6.24 22.37
C VAL B 131 -22.47 7.02 21.61
N ALA B 132 -23.72 6.92 22.06
CA ALA B 132 -24.82 7.43 21.25
C ALA B 132 -25.98 7.93 22.09
N ILE B 133 -26.09 7.45 23.33
CA ILE B 133 -27.21 7.77 24.21
C ILE B 133 -26.67 8.49 25.44
N ALA B 134 -27.32 9.61 25.82
CA ALA B 134 -26.88 10.33 26.99
C ALA B 134 -27.58 9.81 28.25
N PRO B 135 -26.90 9.89 29.42
CA PRO B 135 -25.53 10.37 29.60
C PRO B 135 -24.50 9.26 29.42
N GLN B 136 -23.26 9.62 29.11
CA GLN B 136 -22.20 8.64 28.92
C GLN B 136 -20.93 9.17 29.56
N GLY B 137 -20.19 8.26 30.21
CA GLY B 137 -18.93 8.61 30.82
C GLY B 137 -18.64 7.79 32.07
N SER B 138 -17.53 7.04 32.05
CA SER B 138 -17.13 6.25 33.20
C SER B 138 -16.74 7.18 34.36
N PRO B 139 -16.80 6.68 35.60
CA PRO B 139 -16.35 7.50 36.73
C PRO B 139 -14.92 7.99 36.60
N PHE B 140 -14.03 7.20 36.00
CA PHE B 140 -12.67 7.68 35.77
C PHE B 140 -12.68 8.92 34.90
N VAL B 141 -13.37 8.85 33.75
CA VAL B 141 -13.45 9.97 32.83
C VAL B 141 -14.05 11.19 33.52
N ARG B 142 -15.13 10.99 34.27
CA ARG B 142 -15.81 12.13 34.88
C ARG B 142 -14.96 12.79 35.96
N HIS B 143 -14.16 12.00 36.67
CA HIS B 143 -13.35 12.53 37.76
C HIS B 143 -12.09 13.21 37.21
N VAL B 144 -11.41 12.53 36.29
CA VAL B 144 -10.23 13.09 35.64
C VAL B 144 -10.59 14.40 34.93
N ALA B 145 -11.77 14.44 34.30
CA ALA B 145 -12.17 15.65 33.60
C ALA B 145 -12.30 16.86 34.52
N GLN B 146 -12.43 16.65 35.83
CA GLN B 146 -12.60 17.73 36.78
C GLN B 146 -11.31 18.16 37.46
N HIS B 147 -10.20 17.45 37.22
CA HIS B 147 -8.91 17.73 37.85
C HIS B 147 -7.79 17.59 36.82
N GLU B 148 -7.96 18.22 35.65
CA GLU B 148 -7.10 17.93 34.50
C GLU B 148 -5.64 18.19 34.81
N ALA B 149 -5.34 19.30 35.49
CA ALA B 149 -3.95 19.67 35.73
C ALA B 149 -3.25 18.68 36.67
N ALA B 150 -3.96 18.23 37.71
CA ALA B 150 -3.39 17.23 38.62
C ALA B 150 -2.95 15.97 37.88
N PHE B 151 -3.64 15.59 36.81
CA PHE B 151 -3.29 14.34 36.15
C PHE B 151 -2.23 14.53 35.07
N THR B 152 -2.30 15.61 34.28
CA THR B 152 -1.27 15.83 33.27
C THR B 152 0.11 15.98 33.91
N GLY B 153 0.16 16.45 35.16
CA GLY B 153 1.43 16.62 35.83
C GLY B 153 1.99 15.40 36.51
N LEU B 154 1.36 14.24 36.33
CA LEU B 154 1.85 13.02 36.94
C LEU B 154 3.23 12.66 36.40
N PRO B 155 4.08 12.06 37.24
CA PRO B 155 5.31 11.44 36.73
C PRO B 155 4.99 10.46 35.62
N ALA B 156 5.91 10.36 34.66
CA ALA B 156 5.67 9.52 33.48
C ALA B 156 5.24 8.11 33.86
N TYR B 157 5.89 7.49 34.84
CA TYR B 157 5.55 6.10 35.14
C TYR B 157 4.16 5.98 35.73
N ALA B 158 3.71 7.00 36.46
CA ALA B 158 2.36 6.94 37.03
C ALA B 158 1.30 7.15 35.96
N HIS B 159 1.53 8.11 35.05
CA HIS B 159 0.66 8.25 33.90
C HIS B 159 0.59 6.96 33.10
N HIS B 160 1.74 6.33 32.87
CA HIS B 160 1.82 5.07 32.15
C HIS B 160 0.94 4.01 32.80
N ALA B 161 0.98 3.90 34.13
CA ALA B 161 0.14 2.93 34.83
C ALA B 161 -1.34 3.27 34.71
N LEU B 162 -1.68 4.56 34.74
CA LEU B 162 -3.07 4.96 34.63
C LEU B 162 -3.62 4.66 33.25
N VAL B 163 -2.87 5.04 32.20
CA VAL B 163 -3.34 4.78 30.84
C VAL B 163 -3.51 3.29 30.62
N SER B 164 -2.55 2.50 31.12
CA SER B 164 -2.61 1.05 30.96
C SER B 164 -3.85 0.48 31.62
N ALA B 165 -4.15 0.96 32.83
CA ALA B 165 -5.31 0.43 33.55
C ALA B 165 -6.60 0.84 32.87
N TYR B 166 -6.67 2.09 32.45
CA TYR B 166 -7.87 2.60 31.78
C TYR B 166 -8.15 1.81 30.51
N ILE B 167 -7.12 1.59 29.70
CA ILE B 167 -7.32 0.80 28.48
C ILE B 167 -7.76 -0.61 28.86
N GLY B 168 -7.19 -1.16 29.93
CA GLY B 168 -7.57 -2.49 30.37
C GLY B 168 -9.04 -2.64 30.69
N GLN B 169 -9.70 -1.54 31.09
CA GLN B 169 -11.13 -1.61 31.35
C GLN B 169 -11.94 -1.88 30.09
N ALA B 170 -11.35 -1.66 28.91
CA ALA B 170 -12.11 -1.80 27.67
C ALA B 170 -12.21 -3.23 27.17
N VAL B 171 -11.49 -4.18 27.77
CA VAL B 171 -11.43 -5.54 27.24
C VAL B 171 -11.84 -6.53 28.31
N ALA B 172 -12.49 -7.59 27.84
CA ALA B 172 -12.81 -8.74 28.70
C ALA B 172 -11.66 -9.73 28.76
N GLN B 173 -10.83 -9.81 27.73
CA GLN B 173 -9.61 -10.62 27.78
C GLN B 173 -8.42 -9.69 27.82
N PRO B 174 -7.59 -9.73 28.87
CA PRO B 174 -6.48 -8.75 28.95
C PRO B 174 -5.57 -8.85 27.74
N LEU B 175 -5.12 -7.68 27.29
CA LEU B 175 -4.20 -7.60 26.17
C LEU B 175 -2.81 -8.07 26.57
N SER B 176 -2.06 -8.59 25.60
CA SER B 176 -0.63 -8.74 25.78
C SER B 176 0.00 -7.35 25.85
N ASP B 177 1.20 -7.27 26.46
CA ASP B 177 1.80 -5.94 26.56
C ASP B 177 2.18 -5.40 25.19
N ASP B 178 2.55 -6.28 24.24
CA ASP B 178 2.80 -5.84 22.87
C ASP B 178 1.58 -5.11 22.30
N VAL B 179 0.39 -5.72 22.48
CA VAL B 179 -0.82 -5.12 21.93
C VAL B 179 -1.23 -3.89 22.72
N LEU B 180 -1.16 -3.99 24.05
CA LEU B 180 -1.46 -2.81 24.85
C LEU B 180 -0.56 -1.64 24.45
N SER B 181 0.71 -1.94 24.13
CA SER B 181 1.63 -0.87 23.74
CA SER B 181 1.64 -0.88 23.72
C SER B 181 1.14 -0.13 22.50
N ILE B 182 0.52 -0.84 21.56
CA ILE B 182 0.02 -0.19 20.34
C ILE B 182 -0.90 0.97 20.68
N TYR B 183 -1.78 0.77 21.66
CA TYR B 183 -2.76 1.77 22.04
C TYR B 183 -2.22 2.76 23.06
N ARG B 184 -1.28 2.34 23.89
CA ARG B 184 -0.77 3.20 24.95
C ARG B 184 0.26 4.20 24.43
N ALA B 185 1.10 3.75 23.50
CA ALA B 185 2.27 4.53 23.09
C ALA B 185 1.97 5.97 22.67
N PRO B 186 0.92 6.27 21.92
CA PRO B 186 0.70 7.67 21.52
C PRO B 186 0.51 8.60 22.70
N TRP B 187 0.06 8.09 23.85
CA TRP B 187 -0.24 8.91 25.00
C TRP B 187 0.94 9.09 25.94
N LEU B 188 2.14 8.58 25.59
CA LEU B 188 3.24 8.59 26.55
C LEU B 188 4.26 9.69 26.33
N THR B 189 4.29 10.30 25.15
CA THR B 189 5.17 11.45 24.96
C THR B 189 4.66 12.61 25.81
N PRO B 190 5.51 13.59 26.10
CA PRO B 190 5.00 14.77 26.81
C PRO B 190 3.76 15.33 26.14
N ALA B 191 3.78 15.44 24.81
CA ALA B 191 2.62 15.95 24.08
C ALA B 191 1.45 14.99 24.19
N GLY B 192 1.71 13.69 24.07
CA GLY B 192 0.62 12.72 24.17
C GLY B 192 0.02 12.65 25.57
N GLN B 193 0.86 12.82 26.59
CA GLN B 193 0.34 12.79 27.96
C GLN B 193 -0.64 13.94 28.18
N ALA B 194 -0.26 15.14 27.73
CA ALA B 194 -1.20 16.26 27.81
C ALA B 194 -2.42 16.00 26.96
N ALA B 195 -2.24 15.39 25.78
CA ALA B 195 -3.34 15.18 24.85
C ALA B 195 -4.32 14.16 25.39
N PHE B 196 -3.83 13.21 26.19
CA PHE B 196 -4.72 12.20 26.74
C PHE B 196 -5.73 12.82 27.70
N TYR B 197 -5.25 13.61 28.66
CA TYR B 197 -6.18 14.21 29.61
C TYR B 197 -6.97 15.32 28.94
N ARG B 198 -6.42 15.93 27.89
CA ARG B 198 -7.13 17.00 27.20
C ARG B 198 -8.42 16.50 26.58
N GLN B 199 -8.36 15.35 25.87
CA GLN B 199 -9.59 14.91 25.22
C GLN B 199 -10.61 14.37 26.22
N ILE B 200 -10.16 13.92 27.39
CA ILE B 200 -11.11 13.62 28.47
C ILE B 200 -11.75 14.90 28.97
N ALA B 201 -10.94 15.93 29.21
CA ALA B 201 -11.44 17.15 29.82
C ALA B 201 -12.43 17.87 28.92
N GLN B 202 -12.34 17.66 27.61
CA GLN B 202 -13.21 18.32 26.63
C GLN B 202 -14.51 17.58 26.39
N MET B 203 -14.70 16.42 26.99
CA MET B 203 -15.96 15.70 26.81
C MET B 203 -17.11 16.51 27.38
N ARG B 204 -18.23 16.52 26.64
CA ARG B 204 -19.45 17.21 27.04
C ARG B 204 -20.63 16.35 26.61
N GLN B 205 -21.64 16.25 27.46
CA GLN B 205 -22.83 15.47 27.10
C GLN B 205 -23.55 16.06 25.89
N ARG B 206 -23.45 17.38 25.68
CA ARG B 206 -24.29 18.02 24.66
C ARG B 206 -24.01 17.48 23.26
N TYR B 207 -22.79 17.02 23.00
CA TYR B 207 -22.47 16.52 21.67
C TYR B 207 -23.31 15.28 21.35
N ILE B 208 -23.55 14.45 22.37
CA ILE B 208 -24.40 13.28 22.21
C ILE B 208 -25.88 13.66 22.19
N GLU B 209 -26.29 14.51 23.14
CA GLU B 209 -27.70 14.86 23.26
C GLU B 209 -28.23 15.49 21.97
N ASP B 210 -27.43 16.32 21.32
CA ASP B 210 -27.88 17.00 20.11
C ASP B 210 -28.18 16.00 19.00
N ALA B 211 -27.35 14.97 18.87
CA ALA B 211 -27.61 13.94 17.87
C ALA B 211 -28.80 13.08 18.29
N GLU B 212 -28.80 12.63 19.55
CA GLU B 212 -29.85 11.74 20.05
C GLU B 212 -31.24 12.31 19.80
N ALA B 213 -31.38 13.64 19.89
CA ALA B 213 -32.69 14.25 19.69
C ALA B 213 -33.22 14.03 18.28
N ARG B 214 -32.37 13.69 17.32
CA ARG B 214 -32.78 13.50 15.94
C ARG B 214 -32.84 12.05 15.51
N TYR B 215 -32.51 11.09 16.38
CA TYR B 215 -32.46 9.70 15.94
C TYR B 215 -33.81 9.25 15.41
N ALA B 216 -33.74 8.49 14.33
CA ALA B 216 -34.88 7.89 13.65
C ALA B 216 -34.34 6.84 12.70
N PRO B 217 -35.14 5.85 12.32
CA PRO B 217 -34.67 4.87 11.33
C PRO B 217 -34.25 5.57 10.06
N PRO B 218 -33.00 5.40 9.63
CA PRO B 218 -32.55 6.07 8.40
C PRO B 218 -32.94 5.28 7.16
N ASP B 219 -32.57 5.81 6.01
CA ASP B 219 -32.90 5.20 4.72
CA ASP B 219 -32.90 5.20 4.73
C ASP B 219 -31.81 4.25 4.23
N PHE B 220 -30.99 3.73 5.13
CA PHE B 220 -29.99 2.72 4.84
C PHE B 220 -29.97 1.75 6.01
N PRO B 221 -29.44 0.54 5.82
CA PRO B 221 -29.41 -0.42 6.92
C PRO B 221 -28.48 0.02 8.02
N VAL B 222 -28.86 -0.31 9.25
CA VAL B 222 -28.04 -0.08 10.42
C VAL B 222 -27.92 -1.40 11.17
N ARG B 223 -26.71 -1.74 11.59
CA ARG B 223 -26.43 -2.90 12.43
CA ARG B 223 -26.49 -2.87 12.47
C ARG B 223 -25.61 -2.43 13.62
N ILE B 224 -25.89 -2.99 14.81
CA ILE B 224 -25.19 -2.60 16.03
C ILE B 224 -24.56 -3.83 16.66
N VAL B 225 -23.23 -3.91 16.63
CA VAL B 225 -22.45 -4.95 17.28
C VAL B 225 -22.21 -4.51 18.71
N TRP B 226 -22.54 -5.36 19.70
CA TRP B 226 -22.48 -4.93 21.09
C TRP B 226 -21.76 -5.99 21.92
N GLY B 227 -20.56 -5.67 22.39
CA GLY B 227 -19.86 -6.51 23.33
C GLY B 227 -20.62 -6.53 24.66
N GLU B 228 -21.09 -7.71 25.07
CA GLU B 228 -22.01 -7.79 26.20
C GLU B 228 -21.36 -7.38 27.51
N ASP B 229 -20.04 -7.51 27.63
CA ASP B 229 -19.36 -7.27 28.90
C ASP B 229 -18.79 -5.86 29.00
N ASP B 230 -19.20 -4.96 28.11
CA ASP B 230 -18.73 -3.57 28.10
C ASP B 230 -18.86 -2.92 29.47
N ARG B 231 -17.72 -2.55 30.06
CA ARG B 231 -17.70 -1.91 31.36
C ARG B 231 -18.00 -0.41 31.31
N TRP B 232 -17.96 0.20 30.13
CA TRP B 232 -18.08 1.65 29.99
C TRP B 232 -19.47 2.10 29.62
N ILE B 233 -20.25 1.27 28.92
CA ILE B 233 -21.57 1.62 28.45
C ILE B 233 -22.53 0.49 28.84
N PRO B 234 -23.59 0.76 29.60
CA PRO B 234 -24.52 -0.32 29.97
C PRO B 234 -25.24 -0.88 28.74
N LEU B 235 -25.50 -2.18 28.78
CA LEU B 235 -26.17 -2.84 27.66
C LEU B 235 -27.50 -2.17 27.32
N GLU B 236 -28.20 -1.67 28.35
CA GLU B 236 -29.52 -1.07 28.13
C GLU B 236 -29.46 0.10 27.17
N GLN B 237 -28.35 0.85 27.16
CA GLN B 237 -28.23 1.96 26.23
C GLN B 237 -28.04 1.46 24.81
N GLY B 238 -27.39 0.30 24.65
CA GLY B 238 -27.30 -0.29 23.32
C GLY B 238 -28.65 -0.71 22.78
N GLN B 239 -29.46 -1.37 23.62
CA GLN B 239 -30.80 -1.77 23.19
C GLN B 239 -31.66 -0.54 22.88
N ALA B 240 -31.51 0.52 23.69
CA ALA B 240 -32.25 1.75 23.43
C ALA B 240 -31.88 2.32 22.06
N LEU B 241 -30.59 2.31 21.72
CA LEU B 241 -30.18 2.78 20.40
C LEU B 241 -30.76 1.89 19.31
N ALA B 242 -30.68 0.57 19.50
CA ALA B 242 -31.24 -0.36 18.51
C ALA B 242 -32.73 -0.12 18.29
N ASP B 243 -33.47 0.18 19.36
CA ASP B 243 -34.89 0.46 19.22
C ASP B 243 -35.13 1.71 18.39
N ARG B 244 -34.24 2.70 18.48
CA ARG B 244 -34.46 3.99 17.82
CA ARG B 244 -34.51 3.96 17.79
C ARG B 244 -34.05 3.98 16.35
N ILE B 245 -32.96 3.29 16.00
CA ILE B 245 -32.41 3.40 14.66
C ILE B 245 -32.16 2.05 13.98
N ALA B 246 -32.36 0.92 14.66
CA ALA B 246 -31.99 -0.35 14.06
C ALA B 246 -33.10 -1.39 14.18
N ASN B 247 -34.35 -0.93 14.29
CA ASN B 247 -35.52 -1.81 14.37
C ASN B 247 -35.42 -2.81 15.51
N GLY B 248 -34.79 -2.40 16.61
CA GLY B 248 -34.72 -3.20 17.81
C GLY B 248 -33.67 -4.30 17.79
N LYS B 249 -32.86 -4.40 16.74
CA LYS B 249 -31.95 -5.52 16.57
C LYS B 249 -30.57 -5.17 17.12
N LEU B 250 -30.02 -6.05 17.95
CA LEU B 250 -28.63 -6.00 18.40
C LEU B 250 -27.91 -7.25 17.96
N ILE B 251 -26.66 -7.11 17.55
CA ILE B 251 -25.77 -8.26 17.36
C ILE B 251 -24.94 -8.37 18.62
N ARG B 252 -25.38 -9.21 19.56
CA ARG B 252 -24.69 -9.35 20.83
CA ARG B 252 -24.69 -9.35 20.83
C ARG B 252 -23.43 -10.18 20.66
N VAL B 253 -22.37 -9.76 21.34
CA VAL B 253 -21.12 -10.52 21.27
C VAL B 253 -20.77 -10.99 22.68
N PRO B 254 -20.94 -12.28 22.96
CA PRO B 254 -20.62 -12.81 24.28
C PRO B 254 -19.13 -12.70 24.59
N ARG B 255 -18.83 -12.52 25.88
CA ARG B 255 -17.46 -12.54 26.37
C ARG B 255 -16.57 -11.54 25.65
N ALA B 256 -17.16 -10.41 25.26
CA ALA B 256 -16.42 -9.31 24.70
C ALA B 256 -16.77 -8.04 25.46
N GLY B 257 -15.78 -7.18 25.67
CA GLY B 257 -15.98 -5.92 26.33
C GLY B 257 -16.25 -4.80 25.33
N HIS B 258 -15.94 -3.59 25.77
CA HIS B 258 -16.13 -2.41 24.93
C HIS B 258 -15.32 -2.50 23.65
N LEU B 259 -14.06 -2.90 23.75
CA LEU B 259 -13.17 -3.00 22.59
C LEU B 259 -13.33 -4.37 21.93
N VAL B 260 -14.47 -4.52 21.23
CA VAL B 260 -14.78 -5.77 20.54
C VAL B 260 -13.68 -6.09 19.54
N GLN B 261 -13.04 -5.07 18.96
CA GLN B 261 -11.98 -5.30 18.01
C GLN B 261 -10.85 -6.17 18.57
N GLU B 262 -10.61 -6.10 19.89
CA GLU B 262 -9.59 -6.96 20.47
C GLU B 262 -10.17 -8.25 21.04
N ASP B 263 -11.36 -8.21 21.64
CA ASP B 263 -11.90 -9.43 22.24
C ASP B 263 -12.46 -10.38 21.20
N ALA B 264 -12.96 -9.86 20.08
CA ALA B 264 -13.67 -10.67 19.09
C ALA B 264 -13.71 -9.97 17.74
N PRO B 265 -12.57 -9.64 17.14
CA PRO B 265 -12.62 -9.00 15.82
C PRO B 265 -13.41 -9.79 14.80
N GLU B 266 -13.44 -11.13 14.94
CA GLU B 266 -14.19 -11.95 14.02
C GLU B 266 -15.68 -11.59 14.03
N ALA B 267 -16.19 -11.07 15.16
CA ALA B 267 -17.61 -10.71 15.21
C ALA B 267 -17.90 -9.51 14.32
N ILE B 268 -16.97 -8.56 14.26
CA ILE B 268 -17.15 -7.37 13.43
C ILE B 268 -17.00 -7.72 11.96
N VAL B 269 -16.02 -8.56 11.64
CA VAL B 269 -15.86 -9.06 10.27
C VAL B 269 -17.14 -9.76 9.82
N ALA B 270 -17.68 -10.66 10.65
CA ALA B 270 -18.92 -11.34 10.28
C ALA B 270 -20.07 -10.36 10.10
N ALA B 271 -20.18 -9.39 11.00
CA ALA B 271 -21.30 -8.45 10.94
C ALA B 271 -21.29 -7.64 9.64
N VAL B 272 -20.09 -7.24 9.19
CA VAL B 272 -19.99 -6.43 7.98
C VAL B 272 -20.13 -7.29 6.74
N LEU B 273 -19.52 -8.47 6.73
CA LEU B 273 -19.43 -9.27 5.51
C LEU B 273 -20.58 -10.24 5.33
N ASP B 274 -21.21 -10.70 6.41
CA ASP B 274 -22.25 -11.73 6.29
C ASP B 274 -23.60 -11.07 6.10
N ARG B 275 -23.77 -10.51 4.92
CA ARG B 275 -25.01 -9.83 4.56
C ARG B 275 -25.31 -10.13 3.09
N HIS C 6 13.22 -16.31 -41.12
CA HIS C 6 13.23 -16.41 -39.67
C HIS C 6 12.11 -17.33 -39.16
N HIS C 7 12.19 -17.72 -37.89
CA HIS C 7 11.09 -18.41 -37.23
C HIS C 7 9.89 -17.48 -37.19
N HIS C 8 8.68 -18.09 -37.23
N HIS C 8 8.69 -18.02 -37.36
CA HIS C 8 7.41 -17.39 -37.31
CA HIS C 8 7.76 -16.93 -37.59
C HIS C 8 7.24 -16.38 -36.17
C HIS C 8 7.11 -16.46 -36.30
N MET C 9 6.48 -15.31 -36.44
CA MET C 9 6.15 -14.42 -35.36
C MET C 9 5.04 -15.00 -34.52
N LEU C 10 5.10 -14.72 -33.23
CA LEU C 10 4.02 -15.06 -32.33
C LEU C 10 2.75 -14.34 -32.73
N ASP C 11 1.64 -15.06 -32.67
CA ASP C 11 0.32 -14.51 -32.94
C ASP C 11 -0.21 -13.88 -31.67
N LEU C 12 -0.37 -12.56 -31.67
CA LEU C 12 -1.06 -11.87 -30.58
C LEU C 12 -2.44 -11.50 -31.12
N ALA C 13 -3.34 -12.47 -31.03
CA ALA C 13 -4.64 -12.33 -31.69
C ALA C 13 -5.57 -11.39 -30.93
N ASN C 14 -5.41 -11.31 -29.62
CA ASN C 14 -6.39 -10.69 -28.74
C ASN C 14 -6.05 -9.24 -28.43
N ARG C 15 -7.08 -8.48 -28.05
CA ARG C 15 -6.93 -7.09 -27.65
C ARG C 15 -7.61 -6.87 -26.31
N PHE C 16 -6.86 -6.38 -25.34
CA PHE C 16 -7.39 -6.03 -24.03
C PHE C 16 -7.49 -4.51 -23.92
N ASN C 17 -8.63 -4.03 -23.43
CA ASN C 17 -8.82 -2.59 -23.25
C ASN C 17 -8.24 -2.18 -21.91
N PHE C 18 -7.12 -1.47 -21.93
CA PHE C 18 -6.48 -0.94 -20.73
C PHE C 18 -6.68 0.57 -20.75
N GLU C 19 -7.64 1.05 -19.96
CA GLU C 19 -7.90 2.47 -19.77
C GLU C 19 -8.02 3.21 -21.09
N GLY C 20 -8.72 2.59 -22.04
CA GLY C 20 -8.95 3.18 -23.34
C GLY C 20 -7.91 2.85 -24.40
N HIS C 21 -6.87 2.09 -24.05
CA HIS C 21 -5.83 1.71 -24.98
C HIS C 21 -5.90 0.22 -25.28
N ARG C 22 -5.68 -0.15 -26.54
CA ARG C 22 -5.70 -1.54 -26.95
CA ARG C 22 -5.70 -1.54 -26.95
C ARG C 22 -4.34 -2.19 -26.67
N ILE C 23 -4.37 -3.30 -25.95
CA ILE C 23 -3.17 -4.07 -25.62
C ILE C 23 -3.23 -5.39 -26.38
N ALA C 24 -2.21 -5.65 -27.18
CA ALA C 24 -2.16 -6.91 -27.92
C ALA C 24 -1.62 -8.02 -27.03
N TRP C 25 -2.26 -9.20 -27.10
CA TRP C 25 -1.76 -10.33 -26.34
C TRP C 25 -2.17 -11.61 -27.04
N GLY C 26 -1.52 -12.70 -26.63
CA GLY C 26 -1.83 -14.00 -27.20
C GLY C 26 -1.39 -15.06 -26.21
N THR C 27 -1.73 -16.30 -26.54
CA THR C 27 -1.41 -17.41 -25.67
CA THR C 27 -1.43 -17.43 -25.67
C THR C 27 -1.10 -18.63 -26.52
N LEU C 28 -0.33 -19.54 -25.93
CA LEU C 28 -0.02 -20.85 -26.49
C LEU C 28 -0.05 -21.87 -25.37
N GLY C 29 -0.46 -23.10 -25.71
CA GLY C 29 -0.35 -24.21 -24.79
C GLY C 29 -1.47 -24.26 -23.76
N GLU C 30 -1.37 -25.28 -22.92
CA GLU C 30 -2.32 -25.50 -21.82
CA GLU C 30 -2.31 -25.46 -21.81
C GLU C 30 -1.53 -25.95 -20.61
N GLY C 31 -2.11 -25.73 -19.43
CA GLY C 31 -1.45 -26.10 -18.20
C GLY C 31 -1.23 -24.91 -17.30
N PRO C 32 -0.30 -25.04 -16.35
CA PRO C 32 -0.06 -23.98 -15.37
C PRO C 32 0.31 -22.69 -16.07
N PRO C 33 -0.16 -21.55 -15.58
CA PRO C 33 0.08 -20.28 -16.29
C PRO C 33 1.54 -19.84 -16.20
N LEU C 34 2.04 -19.33 -17.33
CA LEU C 34 3.39 -18.77 -17.42
C LEU C 34 3.27 -17.50 -18.24
N VAL C 35 3.66 -16.36 -17.66
CA VAL C 35 3.49 -15.05 -18.28
C VAL C 35 4.84 -14.51 -18.71
N LEU C 36 4.95 -14.10 -19.97
CA LEU C 36 6.20 -13.57 -20.53
C LEU C 36 6.08 -12.07 -20.76
N VAL C 37 7.09 -11.31 -20.32
CA VAL C 37 7.03 -9.84 -20.31
C VAL C 37 8.31 -9.31 -20.95
N HIS C 38 8.18 -8.58 -22.06
CA HIS C 38 9.33 -8.12 -22.83
C HIS C 38 9.81 -6.78 -22.29
N GLY C 39 10.91 -6.27 -22.86
CA GLY C 39 11.44 -4.98 -22.47
C GLY C 39 11.62 -4.02 -23.64
N THR C 40 12.42 -2.99 -23.45
CA THR C 40 12.49 -1.97 -24.48
C THR C 40 13.79 -2.08 -25.27
N PRO C 41 13.78 -1.76 -26.57
CA PRO C 41 12.64 -1.31 -27.39
C PRO C 41 12.04 -2.43 -28.23
N PHE C 42 11.56 -3.48 -27.57
CA PHE C 42 11.18 -4.69 -28.28
C PHE C 42 9.70 -4.97 -28.15
N SER C 43 9.34 -6.25 -28.15
CA SER C 43 7.95 -6.67 -28.22
C SER C 43 7.92 -8.13 -27.83
N SER C 44 6.72 -8.70 -27.81
CA SER C 44 6.59 -10.14 -27.53
C SER C 44 7.31 -11.01 -28.54
N GLN C 45 7.72 -10.45 -29.68
CA GLN C 45 8.42 -11.26 -30.66
C GLN C 45 9.76 -11.75 -30.15
N VAL C 46 10.30 -11.17 -29.07
CA VAL C 46 11.52 -11.72 -28.47
C VAL C 46 11.29 -13.12 -27.95
N TRP C 47 10.04 -13.55 -27.80
CA TRP C 47 9.76 -14.90 -27.30
C TRP C 47 9.41 -15.89 -28.40
N ARG C 48 9.57 -15.52 -29.67
CA ARG C 48 9.03 -16.37 -30.72
C ARG C 48 9.77 -17.70 -30.85
N ARG C 49 11.02 -17.78 -30.39
CA ARG C 49 11.76 -19.04 -30.36
C ARG C 49 11.76 -19.66 -28.98
N ILE C 50 11.00 -19.12 -28.05
CA ILE C 50 11.01 -19.54 -26.65
C ILE C 50 9.63 -20.00 -26.20
N ALA C 51 8.62 -19.15 -26.39
CA ALA C 51 7.27 -19.48 -25.99
C ALA C 51 6.77 -20.82 -26.52
N PRO C 52 7.00 -21.22 -27.78
CA PRO C 52 6.46 -22.51 -28.22
C PRO C 52 7.01 -23.68 -27.43
N TRP C 53 8.26 -23.59 -26.95
CA TRP C 53 8.81 -24.72 -26.21
C TRP C 53 8.33 -24.70 -24.76
N LEU C 54 8.11 -23.51 -24.20
CA LEU C 54 7.52 -23.42 -22.87
C LEU C 54 6.06 -23.81 -22.87
N ALA C 55 5.38 -23.76 -24.02
CA ALA C 55 3.96 -24.06 -24.12
C ALA C 55 3.66 -25.55 -24.16
N ARG C 56 4.69 -26.40 -24.27
CA ARG C 56 4.41 -27.82 -24.27
C ARG C 56 3.86 -28.27 -22.93
N ARG C 57 4.17 -27.54 -21.85
CA ARG C 57 3.72 -27.93 -20.52
C ARG C 57 3.11 -26.78 -19.72
N HIS C 58 2.94 -25.59 -20.30
CA HIS C 58 2.32 -24.47 -19.62
C HIS C 58 1.34 -23.78 -20.57
N ARG C 59 0.35 -23.09 -19.99
CA ARG C 59 -0.41 -22.10 -20.74
CA ARG C 59 -0.40 -22.10 -20.75
C ARG C 59 0.40 -20.82 -20.72
N VAL C 60 0.98 -20.47 -21.84
CA VAL C 60 1.90 -19.34 -21.92
C VAL C 60 1.12 -18.12 -22.35
N PHE C 61 1.29 -17.02 -21.62
CA PHE C 61 0.70 -15.73 -21.94
C PHE C 61 1.79 -14.74 -22.32
N PHE C 62 1.56 -13.94 -23.35
CA PHE C 62 2.49 -12.87 -23.70
C PHE C 62 1.69 -11.68 -24.21
N TYR C 63 2.17 -10.47 -23.90
CA TYR C 63 1.52 -9.24 -24.34
C TYR C 63 2.58 -8.20 -24.67
N ASP C 64 2.20 -7.23 -25.50
CA ASP C 64 3.08 -6.12 -25.82
C ASP C 64 2.80 -4.98 -24.86
N LEU C 65 3.85 -4.46 -24.22
CA LEU C 65 3.71 -3.33 -23.31
C LEU C 65 2.98 -2.19 -24.01
N LEU C 66 2.20 -1.44 -23.23
CA LEU C 66 1.64 -0.20 -23.77
C LEU C 66 2.77 0.66 -24.32
N GLY C 67 2.62 1.07 -25.59
CA GLY C 67 3.63 1.88 -26.26
C GLY C 67 4.61 1.10 -27.11
N TYR C 68 4.44 -0.21 -27.23
CA TYR C 68 5.40 -1.09 -27.87
C TYR C 68 4.69 -2.08 -28.78
N GLY C 69 5.41 -2.54 -29.80
CA GLY C 69 4.97 -3.71 -30.54
C GLY C 69 3.64 -3.47 -31.24
N GLN C 70 2.71 -4.40 -31.03
CA GLN C 70 1.38 -4.30 -31.61
C GLN C 70 0.37 -3.64 -30.69
N SER C 71 0.79 -3.24 -29.49
CA SER C 71 -0.14 -2.49 -28.66
C SER C 71 -0.20 -1.03 -29.13
N ASP C 72 -1.21 -0.33 -28.63
CA ASP C 72 -1.37 1.08 -28.97
C ASP C 72 -0.13 1.86 -28.52
N MET C 73 0.17 2.93 -29.25
CA MET C 73 1.31 3.80 -28.94
C MET C 73 0.78 5.21 -28.71
N PRO C 74 0.10 5.44 -27.59
CA PRO C 74 -0.54 6.74 -27.38
C PRO C 74 0.44 7.82 -26.94
N ASP C 75 0.05 9.06 -27.21
CA ASP C 75 0.69 10.22 -26.59
C ASP C 75 0.19 10.28 -25.13
N ALA C 76 0.80 9.45 -24.29
CA ALA C 76 0.35 9.27 -22.91
C ALA C 76 1.46 8.58 -22.14
N ASP C 77 1.24 8.38 -20.84
CA ASP C 77 2.25 7.72 -20.01
C ASP C 77 2.37 6.26 -20.39
N VAL C 78 3.52 5.89 -20.95
CA VAL C 78 3.88 4.52 -21.28
C VAL C 78 5.09 4.05 -20.47
N SER C 79 5.45 4.80 -19.44
CA SER C 79 6.64 4.56 -18.64
C SER C 79 6.44 3.35 -17.75
N LEU C 80 7.51 2.99 -17.03
CA LEU C 80 7.41 1.94 -16.01
C LEU C 80 6.40 2.28 -14.92
N GLY C 81 6.10 3.56 -14.71
CA GLY C 81 5.06 3.91 -13.75
C GLY C 81 3.69 3.39 -14.16
N ARG C 82 3.48 3.14 -15.44
CA ARG C 82 2.24 2.62 -15.99
C ARG C 82 2.25 1.12 -16.18
N GLN C 83 3.41 0.54 -16.48
CA GLN C 83 3.43 -0.82 -16.97
C GLN C 83 3.05 -1.83 -15.88
N ASN C 84 3.40 -1.57 -14.62
CA ASN C 84 2.98 -2.54 -13.61
C ASN C 84 1.48 -2.50 -13.35
N VAL C 85 0.82 -1.35 -13.60
CA VAL C 85 -0.64 -1.32 -13.52
C VAL C 85 -1.26 -2.19 -14.61
N LEU C 86 -0.75 -2.08 -15.83
CA LEU C 86 -1.25 -2.92 -16.92
C LEU C 86 -0.99 -4.39 -16.64
N PHE C 87 0.22 -4.71 -16.14
CA PHE C 87 0.54 -6.10 -15.80
C PHE C 87 -0.47 -6.68 -14.81
N GLY C 88 -0.75 -5.97 -13.73
CA GLY C 88 -1.74 -6.44 -12.77
C GLY C 88 -3.12 -6.57 -13.38
N ALA C 89 -3.47 -5.64 -14.28
CA ALA C 89 -4.78 -5.69 -14.92
C ALA C 89 -4.91 -6.90 -15.82
N LEU C 90 -3.83 -7.29 -16.48
CA LEU C 90 -3.88 -8.47 -17.35
C LEU C 90 -3.97 -9.75 -16.54
N LEU C 91 -3.22 -9.85 -15.42
CA LEU C 91 -3.35 -11.04 -14.58
C LEU C 91 -4.78 -11.22 -14.11
N ASP C 92 -5.46 -10.12 -13.76
CA ASP C 92 -6.85 -10.21 -13.34
C ASP C 92 -7.76 -10.57 -14.50
N GLU C 93 -7.53 -9.95 -15.67
CA GLU C 93 -8.30 -10.30 -16.86
C GLU C 93 -8.16 -11.79 -17.19
N TRP C 94 -6.94 -12.32 -17.09
CA TRP C 94 -6.66 -13.72 -17.39
C TRP C 94 -7.06 -14.66 -16.25
N LYS C 95 -7.44 -14.11 -15.10
CA LYS C 95 -7.89 -14.89 -13.95
C LYS C 95 -6.82 -15.90 -13.52
N ILE C 96 -5.57 -15.48 -13.51
CA ILE C 96 -4.49 -16.39 -13.13
C ILE C 96 -3.91 -15.95 -11.80
N SER C 97 -3.50 -16.94 -11.01
CA SER C 97 -2.95 -16.75 -9.67
C SER C 97 -1.66 -17.53 -9.57
N ARG C 98 -0.69 -16.98 -8.85
CA ARG C 98 0.65 -17.57 -8.75
C ARG C 98 1.18 -18.00 -10.12
N PRO C 99 1.27 -17.08 -11.07
CA PRO C 99 1.86 -17.43 -12.37
C PRO C 99 3.34 -17.68 -12.22
N ARG C 100 3.87 -18.56 -13.08
CA ARG C 100 5.29 -18.48 -13.38
C ARG C 100 5.50 -17.24 -14.24
N VAL C 101 6.62 -16.55 -14.03
CA VAL C 101 6.89 -15.30 -14.71
C VAL C 101 8.26 -15.39 -15.36
N LEU C 102 8.35 -15.01 -16.63
CA LEU C 102 9.60 -14.88 -17.36
C LEU C 102 9.65 -13.48 -17.94
N ALA C 103 10.68 -12.70 -17.61
CA ALA C 103 10.69 -11.29 -17.92
C ALA C 103 12.09 -10.81 -18.30
N HIS C 104 12.16 -9.89 -19.26
CA HIS C 104 13.42 -9.31 -19.74
C HIS C 104 13.44 -7.80 -19.58
N ASP C 105 14.58 -7.22 -19.15
CA ASP C 105 14.88 -5.77 -19.26
C ASP C 105 13.83 -4.94 -18.51
N TYR C 106 13.10 -4.04 -19.17
CA TYR C 106 12.02 -3.31 -18.53
C TYR C 106 10.86 -4.22 -18.13
N GLY C 107 10.71 -5.36 -18.79
CA GLY C 107 9.74 -6.33 -18.32
C GLY C 107 10.10 -6.84 -16.95
N GLY C 108 11.41 -7.05 -16.72
CA GLY C 108 11.88 -7.41 -15.39
C GLY C 108 11.59 -6.33 -14.36
N ALA C 109 11.87 -5.07 -14.72
CA ALA C 109 11.49 -3.96 -13.84
C ALA C 109 10.00 -4.01 -13.52
N THR C 110 9.18 -4.29 -14.53
CA THR C 110 7.74 -4.28 -14.34
C THR C 110 7.30 -5.37 -13.38
N VAL C 111 7.81 -6.60 -13.54
CA VAL C 111 7.35 -7.66 -12.65
C VAL C 111 7.99 -7.58 -11.28
N LEU C 112 9.17 -6.96 -11.17
CA LEU C 112 9.71 -6.69 -9.85
C LEU C 112 8.89 -5.61 -9.13
N ARG C 113 8.49 -4.56 -9.86
CA ARG C 113 7.59 -3.57 -9.26
C ARG C 113 6.26 -4.22 -8.88
N ALA C 114 5.70 -5.04 -9.77
CA ALA C 114 4.40 -5.64 -9.45
C ALA C 114 4.50 -6.56 -8.24
N HIS C 115 5.62 -7.24 -8.04
CA HIS C 115 5.71 -8.06 -6.84
C HIS C 115 6.02 -7.22 -5.60
N PHE C 116 7.13 -6.48 -5.63
CA PHE C 116 7.61 -5.83 -4.43
C PHE C 116 6.83 -4.57 -4.07
N LEU C 117 6.25 -3.88 -5.06
CA LEU C 117 5.43 -2.71 -4.75
C LEU C 117 3.95 -3.06 -4.65
N ASP C 118 3.48 -3.96 -5.52
CA ASP C 118 2.05 -4.22 -5.62
C ASP C 118 1.64 -5.54 -4.96
N GLY C 119 2.59 -6.33 -4.48
CA GLY C 119 2.29 -7.51 -3.70
C GLY C 119 1.84 -8.74 -4.48
N ILE C 120 2.01 -8.78 -5.80
CA ILE C 120 1.50 -9.91 -6.58
C ILE C 120 2.36 -11.15 -6.32
N ALA C 121 1.70 -12.27 -6.00
CA ALA C 121 2.40 -13.52 -5.73
C ALA C 121 2.68 -14.27 -7.03
N TYR C 122 3.93 -14.74 -7.15
CA TYR C 122 4.33 -15.59 -8.28
C TYR C 122 4.67 -16.99 -7.80
N SER C 123 4.54 -17.97 -8.69
N SER C 123 4.51 -17.96 -8.70
CA SER C 123 5.00 -19.31 -8.34
CA SER C 123 4.98 -19.31 -8.43
C SER C 123 6.51 -19.43 -8.52
C SER C 123 6.49 -19.38 -8.50
N ASP C 124 7.09 -18.71 -9.48
CA ASP C 124 8.53 -18.59 -9.60
C ASP C 124 8.81 -17.48 -10.61
N LEU C 125 10.06 -17.06 -10.67
CA LEU C 125 10.40 -15.89 -11.45
C LEU C 125 11.72 -16.14 -12.15
N THR C 126 11.73 -15.98 -13.46
CA THR C 126 12.95 -16.03 -14.27
C THR C 126 13.13 -14.66 -14.88
N LEU C 127 14.26 -14.02 -14.56
CA LEU C 127 14.59 -12.69 -15.09
C LEU C 127 15.69 -12.87 -16.12
N VAL C 128 15.63 -12.10 -17.20
CA VAL C 128 16.67 -12.11 -18.22
C VAL C 128 17.22 -10.69 -18.31
N ASN C 129 18.53 -10.53 -18.06
CA ASN C 129 19.21 -9.22 -18.01
C ASN C 129 18.24 -8.11 -17.60
N PRO C 130 17.67 -8.19 -16.41
CA PRO C 130 16.66 -7.20 -16.01
C PRO C 130 17.25 -5.84 -15.70
N VAL C 131 16.45 -4.81 -15.97
CA VAL C 131 16.70 -3.49 -15.40
C VAL C 131 16.09 -3.53 -14.01
N ALA C 132 16.93 -3.57 -12.99
CA ALA C 132 16.43 -3.82 -11.64
C ALA C 132 17.07 -2.97 -10.57
N ILE C 133 18.29 -2.49 -10.74
CA ILE C 133 18.90 -1.63 -9.74
C ILE C 133 19.45 -0.40 -10.45
N ALA C 134 19.34 0.74 -9.79
CA ALA C 134 19.52 2.05 -10.39
C ALA C 134 20.82 2.69 -9.89
N PRO C 135 21.38 3.66 -10.64
CA PRO C 135 20.89 4.19 -11.93
C PRO C 135 21.06 3.23 -13.11
N GLN C 136 20.28 3.49 -14.16
CA GLN C 136 20.24 2.63 -15.34
C GLN C 136 20.00 3.51 -16.56
N GLY C 137 20.56 3.10 -17.69
CA GLY C 137 20.38 3.83 -18.93
C GLY C 137 21.67 4.14 -19.67
N SER C 138 21.77 3.68 -20.92
CA SER C 138 22.93 3.99 -21.75
C SER C 138 23.06 5.49 -21.98
N PRO C 139 24.25 5.96 -22.39
CA PRO C 139 24.38 7.39 -22.74
C PRO C 139 23.44 7.83 -23.86
N PHE C 140 23.14 6.94 -24.79
CA PHE C 140 22.23 7.26 -25.88
C PHE C 140 20.85 7.59 -25.34
N VAL C 141 20.30 6.67 -24.54
CA VAL C 141 19.03 6.91 -23.85
C VAL C 141 19.10 8.20 -23.06
N ARG C 142 20.20 8.40 -22.33
CA ARG C 142 20.32 9.57 -21.46
C ARG C 142 20.39 10.87 -22.25
N HIS C 143 21.06 10.85 -23.42
CA HIS C 143 21.17 12.05 -24.24
C HIS C 143 19.90 12.32 -25.02
N VAL C 144 19.35 11.27 -25.64
CA VAL C 144 18.13 11.40 -26.43
C VAL C 144 16.97 11.87 -25.58
N ALA C 145 16.92 11.45 -24.31
CA ALA C 145 15.85 11.87 -23.42
C ALA C 145 15.80 13.38 -23.26
N GLN C 146 16.92 14.08 -23.49
CA GLN C 146 16.98 15.52 -23.32
C GLN C 146 16.66 16.31 -24.59
N HIS C 147 16.53 15.65 -25.74
CA HIS C 147 16.31 16.34 -27.02
C HIS C 147 15.25 15.62 -27.85
N GLU C 148 14.13 15.25 -27.22
CA GLU C 148 13.15 14.38 -27.87
C GLU C 148 12.70 14.93 -29.22
N ALA C 149 12.30 16.21 -29.26
CA ALA C 149 11.79 16.77 -30.50
C ALA C 149 12.85 16.77 -31.59
N ALA C 150 14.12 16.98 -31.23
CA ALA C 150 15.19 16.95 -32.23
C ALA C 150 15.33 15.58 -32.86
N PHE C 151 15.01 14.51 -32.13
CA PHE C 151 15.16 13.18 -32.70
C PHE C 151 13.90 12.70 -33.40
N THR C 152 12.73 13.00 -32.86
CA THR C 152 11.49 12.62 -33.55
C THR C 152 11.38 13.28 -34.92
N GLY C 153 11.95 14.48 -35.08
CA GLY C 153 11.92 15.18 -36.36
C GLY C 153 12.92 14.70 -37.40
N LEU C 154 13.68 13.66 -37.11
CA LEU C 154 14.68 13.19 -38.05
C LEU C 154 14.02 12.67 -39.33
N PRO C 155 14.68 12.85 -40.48
CA PRO C 155 14.25 12.15 -41.70
C PRO C 155 14.13 10.65 -41.44
N ALA C 156 13.18 10.03 -42.15
CA ALA C 156 12.90 8.61 -41.91
C ALA C 156 14.16 7.76 -42.00
N TYR C 157 15.00 7.98 -43.01
CA TYR C 157 16.16 7.08 -43.15
C TYR C 157 17.12 7.23 -41.98
N ALA C 158 17.22 8.43 -41.41
CA ALA C 158 18.15 8.66 -40.31
C ALA C 158 17.64 8.03 -39.04
N HIS C 159 16.33 8.18 -38.78
CA HIS C 159 15.68 7.46 -37.71
C HIS C 159 15.90 5.95 -37.86
N HIS C 160 15.66 5.44 -39.06
CA HIS C 160 15.87 4.03 -39.37
C HIS C 160 17.27 3.58 -38.94
N ALA C 161 18.28 4.40 -39.28
CA ALA C 161 19.67 4.07 -38.95
C ALA C 161 19.89 4.08 -37.45
N LEU C 162 19.32 5.05 -36.74
CA LEU C 162 19.51 5.12 -35.29
C LEU C 162 18.85 3.93 -34.59
N VAL C 163 17.61 3.62 -34.95
CA VAL C 163 16.92 2.48 -34.34
C VAL C 163 17.71 1.21 -34.60
N SER C 164 18.19 1.05 -35.82
CA SER C 164 18.93 -0.16 -36.19
C SER C 164 20.21 -0.28 -35.37
N ALA C 165 20.94 0.82 -35.20
CA ALA C 165 22.18 0.79 -34.42
C ALA C 165 21.90 0.53 -32.95
N TYR C 166 20.89 1.18 -32.39
CA TYR C 166 20.56 1.03 -30.98
C TYR C 166 20.18 -0.41 -30.66
N ILE C 167 19.33 -1.01 -31.50
CA ILE C 167 18.99 -2.41 -31.32
C ILE C 167 20.23 -3.28 -31.45
N GLY C 168 21.13 -2.94 -32.39
CA GLY C 168 22.34 -3.71 -32.56
C GLY C 168 23.22 -3.76 -31.32
N GLN C 169 23.15 -2.73 -30.48
CA GLN C 169 23.94 -2.73 -29.25
C GLN C 169 23.50 -3.80 -28.28
N ALA C 170 22.30 -4.34 -28.42
CA ALA C 170 21.80 -5.31 -27.46
C ALA C 170 22.25 -6.74 -27.74
N VAL C 171 22.91 -6.99 -28.87
CA VAL C 171 23.26 -8.37 -29.24
C VAL C 171 24.76 -8.51 -29.43
N ALA C 172 25.27 -9.67 -29.03
CA ALA C 172 26.65 -10.02 -29.28
C ALA C 172 26.86 -10.55 -30.70
N GLN C 173 25.86 -11.22 -31.27
CA GLN C 173 25.91 -11.71 -32.64
C GLN C 173 24.97 -10.87 -33.50
N PRO C 174 25.47 -10.15 -34.51
CA PRO C 174 24.58 -9.26 -35.28
C PRO C 174 23.40 -10.01 -35.87
N LEU C 175 22.25 -9.34 -35.86
CA LEU C 175 21.03 -9.91 -36.40
C LEU C 175 21.07 -9.90 -37.91
N SER C 176 20.40 -10.89 -38.52
CA SER C 176 20.06 -10.74 -39.93
C SER C 176 19.11 -9.57 -40.11
N ASP C 177 19.07 -9.00 -41.31
CA ASP C 177 18.16 -7.90 -41.54
C ASP C 177 16.71 -8.35 -41.39
N ASP C 178 16.41 -9.59 -41.77
CA ASP C 178 15.06 -10.11 -41.56
C ASP C 178 14.68 -10.09 -40.09
N VAL C 179 15.58 -10.50 -39.20
CA VAL C 179 15.25 -10.52 -37.77
C VAL C 179 15.25 -9.10 -37.22
N LEU C 180 16.25 -8.29 -37.59
CA LEU C 180 16.28 -6.91 -37.13
C LEU C 180 14.98 -6.20 -37.50
N SER C 181 14.45 -6.48 -38.69
CA SER C 181 13.20 -5.86 -39.12
C SER C 181 12.05 -6.17 -38.19
N ILE C 182 12.02 -7.38 -37.61
CA ILE C 182 10.94 -7.74 -36.70
C ILE C 182 10.83 -6.71 -35.59
N TYR C 183 11.97 -6.31 -35.04
CA TYR C 183 12.00 -5.40 -33.90
C TYR C 183 11.98 -3.93 -34.31
N ARG C 184 12.52 -3.62 -35.49
CA ARG C 184 12.59 -2.25 -35.94
C ARG C 184 11.27 -1.75 -36.51
N ALA C 185 10.55 -2.62 -37.24
CA ALA C 185 9.40 -2.18 -38.02
C ALA C 185 8.36 -1.39 -37.23
N PRO C 186 7.98 -1.78 -36.00
CA PRO C 186 6.95 -1.00 -35.29
C PRO C 186 7.32 0.44 -35.04
N TRP C 187 8.62 0.76 -35.04
CA TRP C 187 9.08 2.11 -34.75
C TRP C 187 9.24 2.98 -35.99
N LEU C 188 8.91 2.48 -37.19
CA LEU C 188 9.20 3.22 -38.41
C LEU C 188 8.00 4.00 -38.97
N THR C 189 6.79 3.69 -38.54
CA THR C 189 5.66 4.51 -38.96
C THR C 189 5.79 5.89 -38.31
N PRO C 190 5.08 6.90 -38.83
CA PRO C 190 5.10 8.21 -38.14
C PRO C 190 4.72 8.10 -36.67
N ALA C 191 3.67 7.35 -36.34
CA ALA C 191 3.34 7.15 -34.94
C ALA C 191 4.45 6.41 -34.21
N GLY C 192 5.02 5.38 -34.84
CA GLY C 192 6.05 4.59 -34.17
C GLY C 192 7.33 5.36 -33.95
N GLN C 193 7.71 6.20 -34.90
CA GLN C 193 8.90 7.04 -34.71
C GLN C 193 8.74 7.96 -33.51
N ALA C 194 7.57 8.59 -33.37
CA ALA C 194 7.31 9.39 -32.18
C ALA C 194 7.28 8.53 -30.93
N ALA C 195 6.68 7.33 -31.04
CA ALA C 195 6.55 6.44 -29.89
C ALA C 195 7.91 5.96 -29.40
N PHE C 196 8.86 5.76 -30.31
CA PHE C 196 10.20 5.31 -29.94
C PHE C 196 10.89 6.31 -29.03
N TYR C 197 10.93 7.58 -29.43
CA TYR C 197 11.60 8.59 -28.60
C TYR C 197 10.76 8.93 -27.37
N ARG C 198 9.44 8.76 -27.46
CA ARG C 198 8.58 9.05 -26.31
C ARG C 198 8.93 8.15 -25.12
N GLN C 199 8.97 6.83 -25.35
CA GLN C 199 9.25 5.94 -24.23
C GLN C 199 10.67 6.11 -23.71
N ILE C 200 11.60 6.59 -24.55
CA ILE C 200 12.92 6.94 -24.03
C ILE C 200 12.80 8.16 -23.14
N ALA C 201 12.09 9.20 -23.62
CA ALA C 201 12.01 10.46 -22.88
C ALA C 201 11.26 10.30 -21.56
N GLN C 202 10.39 9.30 -21.44
CA GLN C 202 9.62 9.10 -20.21
C GLN C 202 10.38 8.30 -19.16
N MET C 203 11.57 7.80 -19.46
CA MET C 203 12.32 7.02 -18.49
C MET C 203 12.71 7.89 -17.30
N ARG C 204 12.56 7.31 -16.11
CA ARG C 204 12.87 7.99 -14.85
C ARG C 204 13.48 6.98 -13.90
N GLN C 205 14.52 7.40 -13.17
CA GLN C 205 15.18 6.48 -12.26
C GLN C 205 14.27 6.04 -11.11
N ARG C 206 13.30 6.88 -10.73
CA ARG C 206 12.54 6.59 -9.52
CA ARG C 206 12.50 6.60 -9.53
C ARG C 206 11.71 5.32 -9.66
N TYR C 207 11.29 4.96 -10.88
CA TYR C 207 10.47 3.75 -11.03
C TYR C 207 11.24 2.52 -10.56
N ILE C 208 12.53 2.46 -10.86
CA ILE C 208 13.36 1.35 -10.42
C ILE C 208 13.78 1.52 -8.97
N GLU C 209 14.14 2.74 -8.57
CA GLU C 209 14.59 2.97 -7.20
C GLU C 209 13.51 2.62 -6.18
N ASP C 210 12.24 2.90 -6.51
CA ASP C 210 11.15 2.57 -5.59
C ASP C 210 11.06 1.08 -5.35
N ALA C 211 11.23 0.28 -6.40
CA ALA C 211 11.19 -1.18 -6.25
C ALA C 211 12.42 -1.68 -5.51
N GLU C 212 13.61 -1.22 -5.92
CA GLU C 212 14.86 -1.68 -5.32
C GLU C 212 14.87 -1.50 -3.80
N ALA C 213 14.22 -0.44 -3.31
CA ALA C 213 14.19 -0.21 -1.88
C ALA C 213 13.57 -1.37 -1.10
N ARG C 214 12.75 -2.19 -1.75
CA ARG C 214 12.07 -3.29 -1.09
C ARG C 214 12.67 -4.65 -1.42
N TYR C 215 13.72 -4.71 -2.23
CA TYR C 215 14.24 -6.02 -2.65
C TYR C 215 14.70 -6.84 -1.46
N ALA C 216 14.38 -8.11 -1.51
CA ALA C 216 14.74 -9.14 -0.53
C ALA C 216 14.35 -10.47 -1.15
N PRO C 217 14.93 -11.58 -0.72
CA PRO C 217 14.54 -12.86 -1.32
C PRO C 217 13.08 -13.14 -1.06
N PRO C 218 12.29 -13.38 -2.10
CA PRO C 218 10.85 -13.55 -1.93
C PRO C 218 10.50 -14.98 -1.55
N ASP C 219 9.19 -15.24 -1.46
CA ASP C 219 8.68 -16.54 -1.04
C ASP C 219 8.49 -17.50 -2.21
N PHE C 220 9.19 -17.28 -3.31
CA PHE C 220 9.17 -18.15 -4.47
C PHE C 220 10.56 -18.15 -5.08
N PRO C 221 10.92 -19.20 -5.84
CA PRO C 221 12.26 -19.23 -6.44
C PRO C 221 12.45 -18.11 -7.46
N VAL C 222 13.65 -17.56 -7.46
CA VAL C 222 14.07 -16.54 -8.43
C VAL C 222 15.33 -17.05 -9.12
N ARG C 223 15.37 -16.94 -10.44
CA ARG C 223 16.61 -17.19 -11.15
C ARG C 223 16.81 -16.06 -12.15
N ILE C 224 18.08 -15.78 -12.43
CA ILE C 224 18.46 -14.64 -13.24
C ILE C 224 19.39 -15.15 -14.33
N VAL C 225 18.91 -15.09 -15.56
CA VAL C 225 19.70 -15.44 -16.72
C VAL C 225 20.40 -14.17 -17.17
N TRP C 226 21.72 -14.23 -17.35
CA TRP C 226 22.47 -13.01 -17.61
C TRP C 226 23.45 -13.18 -18.77
N GLY C 227 23.17 -12.49 -19.88
CA GLY C 227 24.11 -12.49 -20.99
C GLY C 227 25.37 -11.73 -20.59
N GLU C 228 26.52 -12.42 -20.59
CA GLU C 228 27.74 -11.87 -20.02
C GLU C 228 28.25 -10.65 -20.77
N ASP C 229 27.95 -10.54 -22.06
CA ASP C 229 28.53 -9.49 -22.89
C ASP C 229 27.59 -8.30 -23.05
N ASP C 230 26.57 -8.21 -22.20
CA ASP C 230 25.63 -7.09 -22.17
C ASP C 230 26.37 -5.76 -22.21
N ARG C 231 26.16 -5.00 -23.27
CA ARG C 231 26.80 -3.68 -23.39
C ARG C 231 26.09 -2.61 -22.56
N TRP C 232 24.86 -2.86 -22.15
CA TRP C 232 24.03 -1.86 -21.48
C TRP C 232 24.14 -1.93 -19.96
N ILE C 233 24.33 -3.12 -19.38
CA ILE C 233 24.39 -3.28 -17.93
C ILE C 233 25.64 -4.09 -17.58
N PRO C 234 26.50 -3.64 -16.68
CA PRO C 234 27.70 -4.43 -16.37
C PRO C 234 27.36 -5.70 -15.62
N LEU C 235 28.17 -6.71 -15.87
CA LEU C 235 27.91 -8.05 -15.33
C LEU C 235 27.80 -8.03 -13.82
N GLU C 236 28.60 -7.20 -13.16
CA GLU C 236 28.62 -7.17 -11.71
CA GLU C 236 28.59 -7.20 -11.70
C GLU C 236 27.33 -6.58 -11.13
N GLN C 237 26.59 -5.81 -11.92
CA GLN C 237 25.28 -5.37 -11.47
C GLN C 237 24.30 -6.54 -11.46
N GLY C 238 24.42 -7.44 -12.45
CA GLY C 238 23.64 -8.66 -12.41
C GLY C 238 23.97 -9.52 -11.21
N GLN C 239 25.26 -9.64 -10.86
CA GLN C 239 25.60 -10.42 -9.69
C GLN C 239 25.09 -9.73 -8.42
N ALA C 240 25.14 -8.41 -8.38
CA ALA C 240 24.65 -7.72 -7.19
C ALA C 240 23.15 -7.96 -7.02
N LEU C 241 22.41 -7.97 -8.12
CA LEU C 241 20.99 -8.29 -8.03
C LEU C 241 20.77 -9.71 -7.53
N ALA C 242 21.53 -10.65 -8.08
CA ALA C 242 21.43 -12.04 -7.62
C ALA C 242 21.74 -12.15 -6.14
N ASP C 243 22.75 -11.40 -5.66
CA ASP C 243 23.04 -11.40 -4.24
C ASP C 243 21.85 -10.88 -3.44
N ARG C 244 21.08 -9.96 -4.02
CA ARG C 244 20.05 -9.31 -3.25
C ARG C 244 18.75 -10.10 -3.20
N ILE C 245 18.42 -10.87 -4.24
CA ILE C 245 17.11 -11.51 -4.27
C ILE C 245 17.16 -12.98 -4.67
N ALA C 246 18.31 -13.47 -5.14
CA ALA C 246 18.38 -14.84 -5.61
C ALA C 246 19.47 -15.65 -4.90
N ASN C 247 19.84 -15.25 -3.69
CA ASN C 247 20.82 -15.98 -2.89
C ASN C 247 22.15 -16.12 -3.63
N GLY C 248 22.51 -15.11 -4.42
CA GLY C 248 23.78 -15.12 -5.12
C GLY C 248 23.83 -15.97 -6.38
N LYS C 249 22.75 -16.65 -6.75
CA LYS C 249 22.75 -17.50 -7.94
C LYS C 249 22.53 -16.67 -9.20
N LEU C 250 23.44 -16.82 -10.16
CA LEU C 250 23.36 -16.17 -11.47
C LEU C 250 23.60 -17.22 -12.53
N ILE C 251 22.72 -17.28 -13.53
CA ILE C 251 22.92 -18.17 -14.68
C ILE C 251 23.61 -17.34 -15.76
N ARG C 252 24.94 -17.43 -15.81
CA ARG C 252 25.67 -16.63 -16.78
C ARG C 252 25.64 -17.29 -18.14
N VAL C 253 25.44 -16.47 -19.17
CA VAL C 253 25.36 -16.99 -20.54
C VAL C 253 26.50 -16.41 -21.32
N PRO C 254 27.52 -17.21 -21.65
CA PRO C 254 28.66 -16.70 -22.40
C PRO C 254 28.26 -16.30 -23.81
N ARG C 255 29.00 -15.33 -24.34
CA ARG C 255 28.84 -14.88 -25.72
C ARG C 255 27.41 -14.47 -26.03
N ALA C 256 26.73 -13.91 -25.04
CA ALA C 256 25.38 -13.37 -25.21
C ALA C 256 25.32 -11.96 -24.63
N GLY C 257 24.67 -11.06 -25.36
CA GLY C 257 24.51 -9.70 -24.93
C GLY C 257 23.23 -9.51 -24.15
N HIS C 258 22.73 -8.27 -24.16
CA HIS C 258 21.51 -7.95 -23.42
C HIS C 258 20.32 -8.77 -23.91
N LEU C 259 20.19 -8.92 -25.22
CA LEU C 259 19.04 -9.62 -25.82
C LEU C 259 19.39 -11.10 -25.95
N VAL C 260 19.36 -11.77 -24.81
CA VAL C 260 19.70 -13.18 -24.77
C VAL C 260 18.77 -13.96 -25.65
N GLN C 261 17.54 -13.46 -25.83
CA GLN C 261 16.56 -14.15 -26.66
C GLN C 261 17.06 -14.36 -28.08
N GLU C 262 17.92 -13.46 -28.57
CA GLU C 262 18.46 -13.66 -29.91
C GLU C 262 19.82 -14.36 -29.90
N ASP C 263 20.69 -14.04 -28.95
CA ASP C 263 22.02 -14.64 -28.93
C ASP C 263 21.98 -16.08 -28.44
N ALA C 264 21.06 -16.40 -27.54
CA ALA C 264 21.04 -17.72 -26.91
C ALA C 264 19.67 -18.05 -26.35
N PRO C 265 18.63 -18.11 -27.19
CA PRO C 265 17.30 -18.45 -26.64
C PRO C 265 17.28 -19.78 -25.92
N GLU C 266 18.17 -20.69 -26.32
CA GLU C 266 18.25 -22.00 -25.66
C GLU C 266 18.58 -21.87 -24.19
N ALA C 267 19.36 -20.84 -23.82
CA ALA C 267 19.70 -20.61 -22.43
C ALA C 267 18.45 -20.30 -21.60
N ILE C 268 17.54 -19.50 -22.14
CA ILE C 268 16.32 -19.15 -21.43
C ILE C 268 15.41 -20.37 -21.34
N VAL C 269 15.29 -21.12 -22.43
CA VAL C 269 14.51 -22.34 -22.41
C VAL C 269 15.04 -23.30 -21.34
N ALA C 270 16.37 -23.49 -21.29
CA ALA C 270 16.94 -24.38 -20.29
C ALA C 270 16.66 -23.88 -18.88
N ALA C 271 16.84 -22.57 -18.65
CA ALA C 271 16.66 -22.03 -17.30
C ALA C 271 15.24 -22.25 -16.79
N VAL C 272 14.24 -22.09 -17.66
CA VAL C 272 12.86 -22.24 -17.22
C VAL C 272 12.48 -23.70 -17.07
N LEU C 273 12.95 -24.55 -17.98
CA LEU C 273 12.50 -25.94 -18.01
C LEU C 273 13.31 -26.85 -17.12
N ASP C 274 14.59 -26.55 -16.90
CA ASP C 274 15.48 -27.36 -16.08
C ASP C 274 15.59 -26.83 -14.65
N ARG C 275 14.51 -26.25 -14.12
CA ARG C 275 14.59 -25.21 -13.09
C ARG C 275 15.41 -25.55 -11.83
N HIS D 6 -11.94 -16.34 28.91
CA HIS D 6 -11.94 -16.68 27.49
C HIS D 6 -13.37 -16.83 26.97
N HIS D 7 -13.51 -17.11 25.67
CA HIS D 7 -14.82 -17.30 25.07
C HIS D 7 -15.38 -18.67 25.44
N HIS D 8 -16.70 -18.80 25.30
CA HIS D 8 -17.37 -20.02 25.73
C HIS D 8 -16.89 -21.19 24.89
N MET D 9 -16.71 -22.33 25.56
CA MET D 9 -16.41 -23.56 24.84
C MET D 9 -17.65 -24.00 24.08
N LEU D 10 -17.41 -24.66 22.95
CA LEU D 10 -18.51 -25.22 22.19
C LEU D 10 -19.10 -26.40 22.93
N ASP D 11 -20.42 -26.46 22.93
CA ASP D 11 -21.15 -27.56 23.55
C ASP D 11 -21.24 -28.72 22.57
N LEU D 12 -20.55 -29.82 22.88
CA LEU D 12 -20.66 -31.05 22.10
C LEU D 12 -21.50 -32.00 22.94
N ALA D 13 -22.81 -31.80 22.88
CA ALA D 13 -23.72 -32.49 23.79
C ALA D 13 -24.16 -33.86 23.28
N ASN D 14 -23.86 -34.21 22.04
CA ASN D 14 -24.33 -35.45 21.45
C ASN D 14 -23.21 -36.50 21.41
N ARG D 15 -23.61 -37.77 21.37
CA ARG D 15 -22.67 -38.86 21.23
C ARG D 15 -23.16 -39.80 20.14
N PHE D 16 -22.29 -40.05 19.16
CA PHE D 16 -22.54 -40.97 18.07
C PHE D 16 -21.71 -42.22 18.30
N ASN D 17 -22.33 -43.38 18.12
CA ASN D 17 -21.64 -44.67 18.28
C ASN D 17 -20.98 -45.02 16.95
N PHE D 18 -19.65 -44.93 16.90
CA PHE D 18 -18.87 -45.29 15.73
C PHE D 18 -18.11 -46.57 16.06
N GLU D 19 -18.63 -47.70 15.58
CA GLU D 19 -17.99 -49.00 15.74
C GLU D 19 -17.65 -49.28 17.20
N GLY D 20 -18.56 -48.90 18.09
CA GLY D 20 -18.38 -49.15 19.51
C GLY D 20 -17.64 -48.08 20.28
N HIS D 21 -17.26 -46.98 19.63
CA HIS D 21 -16.61 -45.84 20.25
C HIS D 21 -17.55 -44.64 20.25
N ARG D 22 -17.60 -43.90 21.36
CA ARG D 22 -18.42 -42.70 21.46
C ARG D 22 -17.68 -41.53 20.82
N ILE D 23 -18.38 -40.82 19.92
CA ILE D 23 -17.86 -39.66 19.23
C ILE D 23 -18.69 -38.46 19.70
N ALA D 24 -18.02 -37.47 20.27
CA ALA D 24 -18.70 -36.25 20.72
C ALA D 24 -18.96 -35.33 19.54
N TRP D 25 -20.17 -34.77 19.47
CA TRP D 25 -20.47 -33.79 18.43
C TRP D 25 -21.56 -32.83 18.89
N GLY D 26 -21.67 -31.71 18.19
CA GLY D 26 -22.68 -30.73 18.49
C GLY D 26 -23.04 -29.94 17.24
N THR D 27 -24.05 -29.08 17.38
CA THR D 27 -24.49 -28.28 16.25
CA THR D 27 -24.53 -28.29 16.25
C THR D 27 -24.99 -26.92 16.73
N LEU D 28 -24.93 -25.95 15.82
CA LEU D 28 -25.45 -24.61 16.04
C LEU D 28 -26.11 -24.15 14.75
N GLY D 29 -27.19 -23.37 14.88
CA GLY D 29 -27.75 -22.68 13.74
C GLY D 29 -28.70 -23.52 12.89
N GLU D 30 -29.20 -22.87 11.86
CA GLU D 30 -30.05 -23.52 10.87
C GLU D 30 -29.66 -22.98 9.49
N GLY D 31 -29.97 -23.75 8.47
CA GLY D 31 -29.60 -23.37 7.12
C GLY D 31 -28.85 -24.48 6.41
N PRO D 32 -28.21 -24.14 5.29
CA PRO D 32 -27.36 -25.12 4.59
C PRO D 32 -26.34 -25.74 5.53
N PRO D 33 -26.09 -27.04 5.42
CA PRO D 33 -25.13 -27.68 6.32
C PRO D 33 -23.70 -27.24 6.06
N LEU D 34 -22.96 -27.08 7.16
CA LEU D 34 -21.54 -26.73 7.15
C LEU D 34 -20.89 -27.55 8.25
N VAL D 35 -19.86 -28.34 7.90
CA VAL D 35 -19.24 -29.27 8.83
C VAL D 35 -17.82 -28.82 9.11
N LEU D 36 -17.47 -28.75 10.40
CA LEU D 36 -16.15 -28.30 10.84
C LEU D 36 -15.34 -29.48 11.36
N VAL D 37 -14.09 -29.59 10.90
CA VAL D 37 -13.25 -30.75 11.19
C VAL D 37 -11.91 -30.24 11.69
N HIS D 38 -11.56 -30.59 12.95
CA HIS D 38 -10.33 -30.13 13.58
C HIS D 38 -9.18 -31.08 13.28
N GLY D 39 -7.98 -30.70 13.73
CA GLY D 39 -6.79 -31.51 13.54
C GLY D 39 -6.07 -31.83 14.83
N THR D 40 -4.80 -32.25 14.72
CA THR D 40 -4.12 -32.71 15.93
C THR D 40 -3.15 -31.65 16.43
N PRO D 41 -2.93 -31.55 17.76
CA PRO D 41 -3.56 -32.32 18.83
C PRO D 41 -4.71 -31.58 19.50
N PHE D 42 -5.69 -31.12 18.72
CA PHE D 42 -6.69 -30.21 19.25
C PHE D 42 -8.05 -30.91 19.30
N SER D 43 -9.12 -30.15 19.10
CA SER D 43 -10.49 -30.58 19.31
C SER D 43 -11.40 -29.58 18.59
N SER D 44 -12.71 -29.81 18.67
CA SER D 44 -13.65 -28.84 18.12
C SER D 44 -13.60 -27.49 18.81
N GLN D 45 -12.96 -27.40 19.98
CA GLN D 45 -12.84 -26.09 20.63
C GLN D 45 -12.04 -25.08 19.80
N VAL D 46 -11.28 -25.53 18.79
CA VAL D 46 -10.63 -24.57 17.90
C VAL D 46 -11.64 -23.73 17.13
N TRP D 47 -12.91 -24.15 17.12
CA TRP D 47 -13.94 -23.41 16.41
C TRP D 47 -14.81 -22.55 17.33
N ARG D 48 -14.42 -22.37 18.59
CA ARG D 48 -15.35 -21.74 19.53
C ARG D 48 -15.57 -20.26 19.22
N ARG D 49 -14.61 -19.61 18.55
CA ARG D 49 -14.79 -18.23 18.13
C ARG D 49 -15.21 -18.12 16.67
N ILE D 50 -15.46 -19.24 16.01
CA ILE D 50 -15.73 -19.28 14.58
C ILE D 50 -17.13 -19.83 14.29
N ALA D 51 -17.43 -21.01 14.82
CA ALA D 51 -18.73 -21.62 14.59
C ALA D 51 -19.93 -20.74 14.92
N PRO D 52 -19.95 -19.95 16.01
CA PRO D 52 -21.15 -19.13 16.26
C PRO D 52 -21.44 -18.13 15.14
N TRP D 53 -20.40 -17.60 14.50
CA TRP D 53 -20.63 -16.64 13.43
C TRP D 53 -21.03 -17.34 12.14
N LEU D 54 -20.51 -18.54 11.91
CA LEU D 54 -20.94 -19.33 10.76
C LEU D 54 -22.35 -19.84 10.93
N ALA D 55 -22.85 -19.92 12.16
CA ALA D 55 -24.16 -20.49 12.45
C ALA D 55 -25.28 -19.50 12.22
N ARG D 56 -24.95 -18.23 11.97
CA ARG D 56 -26.03 -17.27 11.73
C ARG D 56 -26.80 -17.63 10.47
N ARG D 57 -26.16 -18.23 9.47
CA ARG D 57 -26.84 -18.59 8.25
C ARG D 57 -26.62 -20.04 7.82
N HIS D 58 -26.02 -20.87 8.67
CA HIS D 58 -25.79 -22.28 8.35
C HIS D 58 -26.13 -23.16 9.54
N ARG D 59 -26.53 -24.39 9.26
CA ARG D 59 -26.54 -25.42 10.29
CA ARG D 59 -26.54 -25.42 10.29
C ARG D 59 -25.13 -25.98 10.40
N VAL D 60 -24.44 -25.61 11.47
CA VAL D 60 -23.03 -25.92 11.64
C VAL D 60 -22.92 -27.18 12.49
N PHE D 61 -22.16 -28.16 11.99
CA PHE D 61 -21.86 -29.39 12.70
C PHE D 61 -20.38 -29.41 13.04
N PHE D 62 -20.04 -29.93 14.22
CA PHE D 62 -18.65 -30.11 14.61
C PHE D 62 -18.58 -31.36 15.48
N TYR D 63 -17.48 -32.09 15.35
CA TYR D 63 -17.27 -33.30 16.14
C TYR D 63 -15.79 -33.41 16.49
N ASP D 64 -15.50 -34.19 17.53
CA ASP D 64 -14.12 -34.46 17.89
C ASP D 64 -13.68 -35.77 17.25
N LEU D 65 -12.55 -35.73 16.54
CA LEU D 65 -11.99 -36.91 15.92
C LEU D 65 -11.88 -38.03 16.96
N LEU D 66 -12.05 -39.26 16.48
CA LEU D 66 -11.80 -40.40 17.35
C LEU D 66 -10.37 -40.31 17.87
N GLY D 67 -10.23 -40.36 19.19
CA GLY D 67 -8.94 -40.24 19.84
C GLY D 67 -8.58 -38.86 20.32
N TYR D 68 -9.50 -37.90 20.25
CA TYR D 68 -9.21 -36.50 20.52
C TYR D 68 -10.34 -35.89 21.32
N GLY D 69 -10.00 -34.86 22.09
CA GLY D 69 -11.03 -33.99 22.65
C GLY D 69 -11.95 -34.72 23.61
N GLN D 70 -13.25 -34.63 23.37
CA GLN D 70 -14.25 -35.28 24.20
C GLN D 70 -14.72 -36.61 23.64
N SER D 71 -14.20 -37.03 22.50
CA SER D 71 -14.54 -38.34 21.98
C SER D 71 -13.73 -39.40 22.72
N ASP D 72 -14.11 -40.67 22.52
CA ASP D 72 -13.36 -41.74 23.15
C ASP D 72 -11.92 -41.75 22.64
N MET D 73 -11.02 -42.22 23.51
CA MET D 73 -9.60 -42.33 23.21
C MET D 73 -9.17 -43.78 23.38
N PRO D 74 -9.58 -44.65 22.46
CA PRO D 74 -9.33 -46.08 22.64
C PRO D 74 -7.92 -46.48 22.24
N ASP D 75 -7.49 -47.60 22.82
CA ASP D 75 -6.32 -48.32 22.33
C ASP D 75 -6.75 -49.07 21.08
N ALA D 76 -6.76 -48.35 19.96
CA ALA D 76 -7.30 -48.81 18.69
C ALA D 76 -6.79 -47.86 17.63
N ASP D 77 -7.10 -48.16 16.37
CA ASP D 77 -6.70 -47.32 15.25
C ASP D 77 -7.44 -45.99 15.33
N VAL D 78 -6.69 -44.90 15.57
CA VAL D 78 -7.22 -43.55 15.53
C VAL D 78 -6.52 -42.71 14.47
N SER D 79 -5.78 -43.36 13.57
CA SER D 79 -5.00 -42.67 12.55
C SER D 79 -5.91 -42.04 11.50
N LEU D 80 -5.29 -41.34 10.55
CA LEU D 80 -6.02 -40.83 9.39
C LEU D 80 -6.66 -41.95 8.58
N GLY D 81 -6.15 -43.17 8.69
CA GLY D 81 -6.80 -44.27 8.00
C GLY D 81 -8.18 -44.60 8.53
N ARG D 82 -8.44 -44.23 9.78
CA ARG D 82 -9.75 -44.39 10.40
C ARG D 82 -10.64 -43.17 10.21
N GLN D 83 -10.05 -41.97 10.25
CA GLN D 83 -10.86 -40.77 10.43
C GLN D 83 -11.76 -40.49 9.24
N ASN D 84 -11.35 -40.87 8.02
CA ASN D 84 -12.25 -40.59 6.90
C ASN D 84 -13.46 -41.51 6.92
N VAL D 85 -13.31 -42.72 7.50
CA VAL D 85 -14.45 -43.61 7.68
C VAL D 85 -15.45 -42.99 8.64
N LEU D 86 -14.96 -42.48 9.77
CA LEU D 86 -15.82 -41.80 10.73
C LEU D 86 -16.50 -40.58 10.11
N PHE D 87 -15.74 -39.79 9.34
CA PHE D 87 -16.31 -38.59 8.75
C PHE D 87 -17.49 -38.93 7.85
N GLY D 88 -17.32 -39.92 6.98
CA GLY D 88 -18.43 -40.34 6.14
C GLY D 88 -19.59 -40.90 6.93
N ALA D 89 -19.29 -41.63 8.02
CA ALA D 89 -20.36 -42.18 8.84
C ALA D 89 -21.19 -41.08 9.49
N LEU D 90 -20.55 -39.97 9.86
CA LEU D 90 -21.25 -38.86 10.48
C LEU D 90 -22.12 -38.13 9.46
N LEU D 91 -21.60 -37.89 8.25
CA LEU D 91 -22.43 -37.28 7.22
C LEU D 91 -23.69 -38.09 6.99
N ASP D 92 -23.57 -39.43 6.98
CA ASP D 92 -24.73 -40.30 6.86
C ASP D 92 -25.66 -40.15 8.05
N GLU D 93 -25.10 -40.25 9.26
CA GLU D 93 -25.89 -40.10 10.48
C GLU D 93 -26.65 -38.79 10.49
N TRP D 94 -26.00 -37.71 10.08
CA TRP D 94 -26.62 -36.39 10.07
C TRP D 94 -27.56 -36.19 8.88
N LYS D 95 -27.60 -37.14 7.95
CA LYS D 95 -28.44 -37.05 6.75
C LYS D 95 -28.17 -35.76 5.98
N ILE D 96 -26.89 -35.45 5.82
CA ILE D 96 -26.55 -34.25 5.07
CA ILE D 96 -26.41 -34.24 5.14
C ILE D 96 -25.90 -34.63 3.75
N SER D 97 -26.20 -33.82 2.75
CA SER D 97 -25.73 -33.99 1.39
C SER D 97 -24.98 -32.74 0.97
N ARG D 98 -23.83 -32.91 0.33
CA ARG D 98 -23.00 -31.81 -0.18
C ARG D 98 -22.84 -30.71 0.86
N PRO D 99 -22.27 -31.02 2.01
CA PRO D 99 -22.04 -29.97 3.02
C PRO D 99 -21.01 -28.97 2.51
N ARG D 100 -21.12 -27.74 2.99
CA ARG D 100 -19.94 -26.90 3.05
C ARG D 100 -19.00 -27.50 4.08
N VAL D 101 -17.69 -27.45 3.83
CA VAL D 101 -16.73 -28.09 4.71
C VAL D 101 -15.67 -27.06 5.11
N LEU D 102 -15.34 -27.01 6.40
CA LEU D 102 -14.26 -26.19 6.91
C LEU D 102 -13.37 -27.10 7.75
N ALA D 103 -12.11 -27.22 7.39
CA ALA D 103 -11.26 -28.25 7.98
C ALA D 103 -9.84 -27.74 8.18
N HIS D 104 -9.20 -28.15 9.27
CA HIS D 104 -7.87 -27.72 9.65
C HIS D 104 -6.95 -28.93 9.83
N ASP D 105 -5.69 -28.83 9.37
CA ASP D 105 -4.59 -29.78 9.71
C ASP D 105 -4.97 -31.21 9.33
N TYR D 106 -4.97 -32.17 10.26
CA TYR D 106 -5.43 -33.53 9.99
C TYR D 106 -6.90 -33.56 9.64
N GLY D 107 -7.67 -32.57 10.06
CA GLY D 107 -9.04 -32.45 9.56
C GLY D 107 -9.06 -32.23 8.07
N GLY D 108 -8.13 -31.39 7.58
CA GLY D 108 -8.00 -31.21 6.14
C GLY D 108 -7.62 -32.49 5.43
N ALA D 109 -6.61 -33.21 5.96
CA ALA D 109 -6.25 -34.50 5.37
C ALA D 109 -7.47 -35.44 5.35
N THR D 110 -8.25 -35.43 6.40
CA THR D 110 -9.43 -36.31 6.49
C THR D 110 -10.46 -35.97 5.43
N VAL D 111 -10.80 -34.68 5.25
CA VAL D 111 -11.82 -34.37 4.25
C VAL D 111 -11.25 -34.47 2.84
N LEU D 112 -9.93 -34.28 2.67
CA LEU D 112 -9.34 -34.51 1.35
C LEU D 112 -9.38 -36.00 1.02
N ARG D 113 -9.07 -36.85 1.99
CA ARG D 113 -9.22 -38.29 1.74
C ARG D 113 -10.67 -38.67 1.47
N ALA D 114 -11.60 -38.10 2.23
CA ALA D 114 -13.01 -38.47 2.04
C ALA D 114 -13.50 -38.04 0.67
N HIS D 115 -12.98 -36.92 0.14
CA HIS D 115 -13.43 -36.56 -1.19
C HIS D 115 -12.67 -37.35 -2.28
N PHE D 116 -11.35 -37.30 -2.25
CA PHE D 116 -10.57 -37.85 -3.37
C PHE D 116 -10.47 -39.37 -3.33
N LEU D 117 -10.51 -39.99 -2.16
CA LEU D 117 -10.51 -41.44 -2.08
C LEU D 117 -11.91 -42.04 -1.97
N ASP D 118 -12.82 -41.38 -1.26
CA ASP D 118 -14.12 -41.96 -0.96
C ASP D 118 -15.23 -41.36 -1.81
N GLY D 119 -14.94 -40.33 -2.59
CA GLY D 119 -15.90 -39.79 -3.54
C GLY D 119 -16.99 -38.92 -2.95
N ILE D 120 -16.84 -38.45 -1.72
CA ILE D 120 -17.90 -37.65 -1.10
C ILE D 120 -17.88 -36.25 -1.70
N ALA D 121 -19.06 -35.79 -2.13
CA ALA D 121 -19.16 -34.47 -2.73
C ALA D 121 -19.43 -33.42 -1.66
N TYR D 122 -18.81 -32.24 -1.84
CA TYR D 122 -19.04 -31.09 -0.97
C TYR D 122 -19.66 -29.96 -1.78
N SER D 123 -20.28 -29.01 -1.06
CA SER D 123 -20.75 -27.76 -1.68
CA SER D 123 -20.74 -27.78 -1.71
C SER D 123 -19.58 -26.83 -1.96
N ASP D 124 -18.67 -26.72 -1.00
CA ASP D 124 -17.42 -26.00 -1.15
C ASP D 124 -16.53 -26.44 0.00
N LEU D 125 -15.26 -26.09 -0.08
CA LEU D 125 -14.29 -26.59 0.86
C LEU D 125 -13.36 -25.44 1.23
N THR D 126 -13.26 -25.15 2.53
CA THR D 126 -12.31 -24.18 3.04
C THR D 126 -11.32 -24.96 3.89
N LEU D 127 -10.06 -24.95 3.50
CA LEU D 127 -9.01 -25.62 4.25
C LEU D 127 -8.20 -24.58 5.00
N VAL D 128 -7.78 -24.92 6.23
CA VAL D 128 -6.93 -24.06 7.03
C VAL D 128 -5.66 -24.85 7.34
N ASN D 129 -4.50 -24.33 6.92
CA ASN D 129 -3.21 -25.00 7.08
C ASN D 129 -3.35 -26.52 7.11
N PRO D 130 -3.84 -27.12 6.01
CA PRO D 130 -4.08 -28.56 6.01
C PRO D 130 -2.80 -29.36 5.88
N VAL D 131 -2.84 -30.55 6.47
CA VAL D 131 -1.83 -31.56 6.16
C VAL D 131 -2.33 -32.26 4.90
N ALA D 132 -1.66 -32.00 3.79
CA ALA D 132 -2.14 -32.44 2.48
C ALA D 132 -1.03 -32.92 1.56
N ILE D 133 0.22 -32.56 1.81
CA ILE D 133 1.32 -32.86 0.93
C ILE D 133 2.36 -33.63 1.74
N ALA D 134 2.76 -34.80 1.22
CA ALA D 134 3.75 -35.60 1.92
C ALA D 134 5.16 -35.18 1.54
N PRO D 135 6.15 -35.30 2.44
CA PRO D 135 5.97 -35.78 3.81
C PRO D 135 5.64 -34.65 4.77
N GLN D 136 5.00 -34.98 5.89
CA GLN D 136 4.65 -33.99 6.89
C GLN D 136 4.96 -34.53 8.27
N GLY D 137 5.47 -33.67 9.13
CA GLY D 137 5.80 -34.05 10.49
C GLY D 137 6.84 -33.16 11.14
N SER D 138 6.45 -32.48 12.22
CA SER D 138 7.37 -31.59 12.93
C SER D 138 8.44 -32.40 13.64
N PRO D 139 9.57 -31.76 13.99
CA PRO D 139 10.64 -32.52 14.67
C PRO D 139 10.18 -33.21 15.94
N PHE D 140 9.27 -32.62 16.71
CA PHE D 140 8.84 -33.27 17.93
C PHE D 140 8.04 -34.53 17.61
N VAL D 141 7.10 -34.42 16.68
CA VAL D 141 6.31 -35.58 16.29
C VAL D 141 7.19 -36.67 15.70
N ARG D 142 8.14 -36.29 14.83
CA ARG D 142 9.02 -37.29 14.21
C ARG D 142 9.88 -37.98 15.26
N HIS D 143 10.33 -37.23 16.27
CA HIS D 143 11.17 -37.84 17.28
C HIS D 143 10.35 -38.69 18.24
N VAL D 144 9.22 -38.16 18.69
CA VAL D 144 8.41 -38.84 19.69
C VAL D 144 7.80 -40.12 19.10
N ALA D 145 7.54 -40.13 17.80
CA ALA D 145 6.96 -41.30 17.15
C ALA D 145 7.79 -42.56 17.37
N GLN D 146 9.08 -42.42 17.66
CA GLN D 146 9.99 -43.55 17.82
C GLN D 146 10.20 -43.96 19.28
N HIS D 147 9.52 -43.32 20.22
CA HIS D 147 9.79 -43.56 21.64
C HIS D 147 8.50 -43.46 22.47
N GLU D 148 7.42 -44.06 21.98
CA GLU D 148 6.09 -43.82 22.56
C GLU D 148 6.04 -44.16 24.04
N ALA D 149 6.34 -45.41 24.40
CA ALA D 149 6.27 -45.79 25.81
C ALA D 149 7.20 -44.95 26.66
N ALA D 150 8.37 -44.58 26.12
CA ALA D 150 9.29 -43.69 26.81
C ALA D 150 8.66 -42.35 27.15
N PHE D 151 7.74 -41.87 26.30
CA PHE D 151 7.11 -40.58 26.57
C PHE D 151 5.83 -40.73 27.39
N THR D 152 4.99 -41.73 27.09
CA THR D 152 3.79 -41.95 27.89
C THR D 152 4.12 -42.20 29.36
N GLY D 153 5.30 -42.77 29.64
CA GLY D 153 5.70 -43.08 30.99
C GLY D 153 6.14 -41.90 31.82
N LEU D 154 6.11 -40.70 31.24
CA LEU D 154 6.62 -39.53 31.95
C LEU D 154 5.73 -39.17 33.13
N PRO D 155 6.32 -38.66 34.21
CA PRO D 155 5.51 -38.06 35.27
C PRO D 155 4.60 -36.98 34.73
N ALA D 156 3.43 -36.84 35.35
CA ALA D 156 2.40 -35.94 34.83
C ALA D 156 2.97 -34.54 34.54
N TYR D 157 3.75 -33.98 35.46
CA TYR D 157 4.20 -32.60 35.27
C TYR D 157 5.17 -32.49 34.10
N ALA D 158 5.89 -33.56 33.77
CA ALA D 158 6.80 -33.50 32.63
C ALA D 158 6.05 -33.64 31.32
N HIS D 159 5.11 -34.60 31.26
CA HIS D 159 4.21 -34.65 30.12
C HIS D 159 3.48 -33.34 29.95
N HIS D 160 3.02 -32.76 31.07
CA HIS D 160 2.38 -31.45 31.07
C HIS D 160 3.27 -30.42 30.40
N ALA D 161 4.57 -30.43 30.75
CA ALA D 161 5.51 -29.47 30.16
C ALA D 161 5.66 -29.69 28.66
N LEU D 162 5.76 -30.95 28.22
CA LEU D 162 5.97 -31.19 26.80
C LEU D 162 4.73 -30.84 25.99
N VAL D 163 3.54 -31.17 26.50
CA VAL D 163 2.31 -30.86 25.75
C VAL D 163 2.12 -29.36 25.63
N SER D 164 2.36 -28.65 26.72
CA SER D 164 2.22 -27.20 26.69
C SER D 164 3.17 -26.59 25.67
N ALA D 165 4.42 -27.07 25.65
CA ALA D 165 5.40 -26.50 24.73
C ALA D 165 5.06 -26.86 23.29
N TYR D 166 4.65 -28.11 23.07
CA TYR D 166 4.29 -28.56 21.73
C TYR D 166 3.11 -27.75 21.18
N ILE D 167 2.05 -27.59 21.97
CA ILE D 167 0.91 -26.76 21.55
C ILE D 167 1.36 -25.32 21.27
N GLY D 168 2.29 -24.81 22.09
CA GLY D 168 2.76 -23.45 21.89
C GLY D 168 3.42 -23.26 20.54
N GLN D 169 3.98 -24.32 19.94
CA GLN D 169 4.60 -24.18 18.64
C GLN D 169 3.58 -23.90 17.54
N ALA D 170 2.30 -24.10 17.82
CA ALA D 170 1.27 -23.95 16.80
C ALA D 170 0.82 -22.51 16.63
N VAL D 171 1.26 -21.58 17.46
CA VAL D 171 0.75 -20.22 17.42
C VAL D 171 1.89 -19.22 17.34
N ALA D 172 1.61 -18.10 16.65
CA ALA D 172 2.52 -16.97 16.59
C ALA D 172 2.36 -16.02 17.77
N GLN D 173 1.14 -15.87 18.28
CA GLN D 173 0.90 -15.09 19.50
C GLN D 173 0.64 -16.06 20.63
N PRO D 174 1.46 -16.05 21.69
CA PRO D 174 1.28 -17.05 22.75
C PRO D 174 -0.11 -17.02 23.34
N LEU D 175 -0.61 -18.21 23.67
CA LEU D 175 -1.94 -18.35 24.26
C LEU D 175 -1.92 -17.91 25.70
N SER D 176 -3.06 -17.44 26.19
CA SER D 176 -3.23 -17.31 27.63
C SER D 176 -3.28 -18.68 28.26
N ASP D 177 -2.99 -18.75 29.55
CA ASP D 177 -3.03 -20.07 30.21
C ASP D 177 -4.42 -20.66 30.17
N ASP D 178 -5.46 -19.82 30.31
CA ASP D 178 -6.83 -20.31 30.22
C ASP D 178 -7.07 -21.00 28.88
N VAL D 179 -6.63 -20.38 27.79
CA VAL D 179 -6.88 -20.93 26.47
C VAL D 179 -6.01 -22.15 26.22
N LEU D 180 -4.72 -22.07 26.57
CA LEU D 180 -3.86 -23.24 26.46
C LEU D 180 -4.48 -24.44 27.19
N SER D 181 -5.08 -24.18 28.35
CA SER D 181 -5.68 -25.25 29.14
CA SER D 181 -5.68 -25.26 29.14
C SER D 181 -6.80 -25.94 28.38
N ILE D 182 -7.56 -25.18 27.58
CA ILE D 182 -8.65 -25.77 26.80
C ILE D 182 -8.12 -26.89 25.90
N TYR D 183 -6.97 -26.66 25.28
CA TYR D 183 -6.40 -27.63 24.36
C TYR D 183 -5.57 -28.70 25.05
N ARG D 184 -4.95 -28.38 26.19
CA ARG D 184 -4.06 -29.31 26.86
C ARG D 184 -4.79 -30.32 27.73
N ALA D 185 -5.89 -29.90 28.37
CA ALA D 185 -6.56 -30.71 29.38
C ALA D 185 -6.94 -32.13 28.94
N PRO D 186 -7.48 -32.36 27.74
CA PRO D 186 -7.83 -33.74 27.36
C PRO D 186 -6.65 -34.68 27.35
N TRP D 187 -5.42 -34.17 27.24
CA TRP D 187 -4.26 -35.03 27.17
C TRP D 187 -3.62 -35.31 28.54
N LEU D 188 -4.20 -34.85 29.65
CA LEU D 188 -3.54 -34.91 30.95
C LEU D 188 -4.00 -36.06 31.84
N THR D 189 -5.18 -36.60 31.62
CA THR D 189 -5.58 -37.81 32.35
C THR D 189 -4.67 -38.96 31.94
N PRO D 190 -4.62 -40.04 32.74
CA PRO D 190 -3.83 -41.21 32.31
C PRO D 190 -4.21 -41.71 30.92
N ALA D 191 -5.51 -41.82 30.63
CA ALA D 191 -5.92 -42.23 29.29
C ALA D 191 -5.54 -41.18 28.25
N GLY D 192 -5.70 -39.90 28.58
CA GLY D 192 -5.35 -38.85 27.65
C GLY D 192 -3.86 -38.80 27.35
N GLN D 193 -3.04 -39.05 28.37
CA GLN D 193 -1.59 -39.05 28.16
C GLN D 193 -1.18 -40.14 27.19
N ALA D 194 -1.66 -41.37 27.41
CA ALA D 194 -1.39 -42.45 26.46
C ALA D 194 -1.95 -42.11 25.08
N ALA D 195 -3.14 -41.52 25.04
CA ALA D 195 -3.79 -41.23 23.76
C ALA D 195 -3.00 -40.20 22.96
N PHE D 196 -2.38 -39.24 23.65
CA PHE D 196 -1.59 -38.22 22.96
C PHE D 196 -0.43 -38.85 22.20
N TYR D 197 0.35 -39.71 22.87
CA TYR D 197 1.46 -40.36 22.19
C TYR D 197 1.00 -41.46 21.25
N ARG D 198 -0.16 -42.07 21.52
CA ARG D 198 -0.69 -43.07 20.60
C ARG D 198 -0.95 -42.48 19.22
N GLN D 199 -1.62 -41.32 19.16
CA GLN D 199 -1.95 -40.80 17.84
C GLN D 199 -0.73 -40.29 17.11
N ILE D 200 0.35 -39.95 17.83
CA ILE D 200 1.61 -39.65 17.15
C ILE D 200 2.25 -40.93 16.60
N ALA D 201 2.23 -42.01 17.38
CA ALA D 201 2.87 -43.24 16.94
C ALA D 201 2.18 -43.83 15.72
N GLN D 202 0.88 -43.60 15.58
CA GLN D 202 0.14 -44.20 14.47
C GLN D 202 0.21 -43.37 13.19
N MET D 203 0.83 -42.19 13.22
CA MET D 203 0.93 -41.39 12.00
C MET D 203 1.73 -42.11 10.95
N ARG D 204 1.25 -42.03 9.69
CA ARG D 204 1.92 -42.65 8.55
C ARG D 204 1.79 -41.72 7.36
N GLN D 205 2.86 -41.59 6.56
CA GLN D 205 2.77 -40.71 5.40
C GLN D 205 1.78 -41.25 4.37
N ARG D 206 1.54 -42.57 4.35
CA ARG D 206 0.72 -43.15 3.28
C ARG D 206 -0.70 -42.58 3.27
N TYR D 207 -1.23 -42.16 4.42
CA TYR D 207 -2.59 -41.65 4.45
C TYR D 207 -2.70 -40.38 3.61
N ILE D 208 -1.68 -39.53 3.66
CA ILE D 208 -1.59 -38.33 2.84
C ILE D 208 -1.26 -38.67 1.40
N GLU D 209 -0.28 -39.56 1.20
CA GLU D 209 0.17 -39.90 -0.16
C GLU D 209 -0.97 -40.42 -1.01
N ASP D 210 -1.82 -41.28 -0.44
CA ASP D 210 -2.90 -41.87 -1.22
C ASP D 210 -3.84 -40.81 -1.76
N ALA D 211 -4.17 -39.82 -0.93
CA ALA D 211 -5.03 -38.74 -1.39
C ALA D 211 -4.30 -37.84 -2.38
N GLU D 212 -3.05 -37.48 -2.07
CA GLU D 212 -2.27 -36.59 -2.91
C GLU D 212 -2.11 -37.13 -4.32
N ALA D 213 -2.00 -38.45 -4.48
CA ALA D 213 -1.87 -39.03 -5.82
C ALA D 213 -3.07 -38.70 -6.70
N ARG D 214 -4.19 -38.30 -6.11
CA ARG D 214 -5.40 -38.03 -6.88
C ARG D 214 -5.77 -36.56 -6.93
N TYR D 215 -4.94 -35.67 -6.39
CA TYR D 215 -5.30 -34.27 -6.34
C TYR D 215 -5.51 -33.68 -7.73
N ALA D 216 -6.59 -32.93 -7.85
CA ALA D 216 -6.90 -32.08 -8.99
C ALA D 216 -7.98 -31.12 -8.54
N PRO D 217 -8.21 -30.02 -9.25
CA PRO D 217 -9.33 -29.15 -8.89
C PRO D 217 -10.62 -29.96 -8.81
N PRO D 218 -11.33 -29.92 -7.68
CA PRO D 218 -12.53 -30.75 -7.56
C PRO D 218 -13.76 -30.09 -8.15
N ASP D 219 -14.88 -30.80 -8.13
CA ASP D 219 -16.17 -30.33 -8.64
CA ASP D 219 -16.08 -30.19 -8.72
C ASP D 219 -16.87 -29.39 -7.68
N PHE D 220 -16.13 -28.54 -6.98
CA PHE D 220 -16.71 -27.55 -6.07
C PHE D 220 -15.62 -26.54 -5.73
N PRO D 221 -16.01 -25.33 -5.29
CA PRO D 221 -15.00 -24.33 -4.96
C PRO D 221 -14.14 -24.75 -3.78
N VAL D 222 -12.86 -24.39 -3.86
CA VAL D 222 -11.88 -24.69 -2.82
C VAL D 222 -11.13 -23.42 -2.48
N ARG D 223 -10.96 -23.14 -1.20
CA ARG D 223 -10.05 -22.08 -0.80
C ARG D 223 -9.18 -22.58 0.33
N ILE D 224 -7.99 -22.00 0.44
CA ILE D 224 -7.00 -22.44 1.40
C ILE D 224 -6.54 -21.23 2.19
N VAL D 225 -6.85 -21.21 3.48
CA VAL D 225 -6.40 -20.18 4.42
C VAL D 225 -5.10 -20.68 5.02
N TRP D 226 -4.04 -19.87 4.97
CA TRP D 226 -2.71 -20.35 5.31
C TRP D 226 -2.01 -19.38 6.23
N GLY D 227 -1.88 -19.73 7.50
CA GLY D 227 -1.08 -18.95 8.43
C GLY D 227 0.39 -19.01 8.01
N GLU D 228 0.97 -17.86 7.65
CA GLU D 228 2.27 -17.82 7.01
C GLU D 228 3.39 -18.33 7.91
N ASP D 229 3.24 -18.17 9.22
CA ASP D 229 4.34 -18.44 10.15
C ASP D 229 4.25 -19.84 10.74
N ASP D 230 3.40 -20.69 10.17
CA ASP D 230 3.24 -22.08 10.60
C ASP D 230 4.60 -22.74 10.82
N ARG D 231 4.86 -23.19 12.06
CA ARG D 231 6.12 -23.86 12.37
C ARG D 231 6.10 -25.34 12.03
N TRP D 232 4.93 -25.90 11.71
CA TRP D 232 4.77 -27.32 11.50
C TRP D 232 4.70 -27.71 10.04
N ILE D 233 4.25 -26.80 9.17
CA ILE D 233 4.11 -27.07 7.75
C ILE D 233 4.72 -25.91 6.97
N PRO D 234 5.70 -26.14 6.10
CA PRO D 234 6.33 -25.04 5.37
C PRO D 234 5.38 -24.44 4.36
N LEU D 235 5.58 -23.14 4.10
CA LEU D 235 4.73 -22.42 3.15
C LEU D 235 4.71 -23.10 1.79
N GLU D 236 5.84 -23.68 1.39
CA GLU D 236 5.97 -24.33 0.08
C GLU D 236 4.92 -25.40 -0.14
N GLN D 237 4.54 -26.13 0.91
CA GLN D 237 3.52 -27.17 0.74
C GLN D 237 2.14 -26.55 0.61
N GLY D 238 1.88 -25.42 1.29
CA GLY D 238 0.64 -24.73 1.06
C GLY D 238 0.54 -24.17 -0.34
N GLN D 239 1.64 -23.60 -0.84
CA GLN D 239 1.66 -23.13 -2.23
C GLN D 239 1.44 -24.29 -3.20
N ALA D 240 2.07 -25.44 -2.91
CA ALA D 240 1.89 -26.60 -3.77
C ALA D 240 0.44 -27.04 -3.81
N LEU D 241 -0.21 -27.11 -2.64
CA LEU D 241 -1.61 -27.50 -2.62
C LEU D 241 -2.45 -26.53 -3.44
N ALA D 242 -2.23 -25.22 -3.25
CA ALA D 242 -3.00 -24.23 -4.01
C ALA D 242 -2.81 -24.43 -5.51
N ASP D 243 -1.58 -24.71 -5.93
CA ASP D 243 -1.34 -24.94 -7.35
C ASP D 243 -2.07 -26.20 -7.84
N ARG D 244 -2.16 -27.23 -6.99
CA ARG D 244 -2.70 -28.50 -7.46
C ARG D 244 -4.21 -28.56 -7.42
N ILE D 245 -4.88 -27.90 -6.46
CA ILE D 245 -6.33 -28.06 -6.37
C ILE D 245 -7.08 -26.73 -6.37
N ALA D 246 -6.37 -25.60 -6.26
CA ALA D 246 -7.08 -24.33 -6.13
C ALA D 246 -6.64 -23.32 -7.19
N ASN D 247 -6.10 -23.80 -8.30
CA ASN D 247 -5.71 -22.96 -9.44
CA ASN D 247 -5.75 -22.93 -9.42
C ASN D 247 -4.80 -21.81 -9.00
N GLY D 248 -3.89 -22.11 -8.06
CA GLY D 248 -2.91 -21.14 -7.63
C GLY D 248 -3.37 -20.14 -6.59
N LYS D 249 -4.61 -20.21 -6.13
CA LYS D 249 -5.14 -19.25 -5.16
C LYS D 249 -4.84 -19.71 -3.74
N LEU D 250 -4.17 -18.87 -2.97
CA LEU D 250 -3.85 -19.15 -1.58
C LEU D 250 -4.17 -17.90 -0.77
N ILE D 251 -4.92 -18.04 0.32
CA ILE D 251 -5.22 -16.91 1.20
C ILE D 251 -4.19 -16.92 2.31
N ARG D 252 -3.11 -16.16 2.12
CA ARG D 252 -2.05 -16.11 3.11
C ARG D 252 -2.45 -15.18 4.25
N VAL D 253 -2.21 -15.62 5.47
CA VAL D 253 -2.56 -14.83 6.65
C VAL D 253 -1.27 -14.44 7.35
N PRO D 254 -0.85 -13.18 7.27
CA PRO D 254 0.40 -12.77 7.92
C PRO D 254 0.28 -12.85 9.43
N ARG D 255 1.43 -13.09 10.07
CA ARG D 255 1.54 -13.07 11.53
C ARG D 255 0.55 -14.04 12.16
N ALA D 256 0.35 -15.16 11.49
CA ALA D 256 -0.46 -16.24 12.01
C ALA D 256 0.31 -17.55 11.83
N GLY D 257 0.30 -18.37 12.86
CA GLY D 257 0.95 -19.66 12.83
C GLY D 257 0.03 -20.75 12.33
N HIS D 258 0.36 -21.98 12.69
CA HIS D 258 -0.45 -23.13 12.29
C HIS D 258 -1.89 -22.98 12.76
N LEU D 259 -2.08 -22.58 14.02
CA LEU D 259 -3.41 -22.53 14.63
C LEU D 259 -4.04 -21.16 14.33
N VAL D 260 -4.44 -21.00 13.08
CA VAL D 260 -5.02 -19.73 12.63
C VAL D 260 -6.26 -19.39 13.45
N GLN D 261 -6.97 -20.41 13.93
CA GLN D 261 -8.16 -20.18 14.74
C GLN D 261 -7.86 -19.37 15.99
N GLU D 262 -6.64 -19.44 16.52
CA GLU D 262 -6.26 -18.60 17.64
C GLU D 262 -5.57 -17.30 17.22
N ASP D 263 -4.66 -17.35 16.24
CA ASP D 263 -3.93 -16.15 15.86
C ASP D 263 -4.82 -15.17 15.08
N ALA D 264 -5.78 -15.69 14.31
CA ALA D 264 -6.56 -14.85 13.41
C ALA D 264 -7.87 -15.54 13.02
N PRO D 265 -8.73 -15.87 13.97
CA PRO D 265 -10.01 -16.49 13.60
C PRO D 265 -10.81 -15.66 12.63
N GLU D 266 -10.65 -14.33 12.65
CA GLU D 266 -11.37 -13.48 11.73
C GLU D 266 -11.02 -13.80 10.28
N ALA D 267 -9.81 -14.28 10.02
CA ALA D 267 -9.44 -14.65 8.66
C ALA D 267 -10.28 -15.82 8.17
N ILE D 268 -10.57 -16.76 9.06
CA ILE D 268 -11.34 -17.93 8.67
C ILE D 268 -12.81 -17.56 8.51
N VAL D 269 -13.33 -16.74 9.42
CA VAL D 269 -14.70 -16.25 9.26
C VAL D 269 -14.83 -15.51 7.92
N ALA D 270 -13.85 -14.65 7.59
CA ALA D 270 -13.92 -13.93 6.33
C ALA D 270 -13.86 -14.87 5.14
N ALA D 271 -12.96 -15.86 5.17
CA ALA D 271 -12.82 -16.76 4.04
C ALA D 271 -14.11 -17.51 3.76
N VAL D 272 -14.81 -17.95 4.81
CA VAL D 272 -16.02 -18.75 4.61
C VAL D 272 -17.21 -17.87 4.21
N LEU D 273 -17.35 -16.72 4.85
CA LEU D 273 -18.55 -15.91 4.69
C LEU D 273 -18.44 -14.91 3.54
N ASP D 274 -17.25 -14.47 3.19
CA ASP D 274 -17.09 -13.43 2.18
C ASP D 274 -16.71 -14.08 0.85
N ARG D 275 -17.67 -14.81 0.29
CA ARG D 275 -17.43 -15.51 -0.97
C ARG D 275 -17.56 -14.56 -2.16
C1 EDO E . 30.92 31.93 4.25
O1 EDO E . 29.69 31.27 3.89
C2 EDO E . 30.76 33.43 4.01
O2 EDO E . 30.69 33.67 2.60
C1 EDO F . -5.22 27.27 2.99
O1 EDO F . -5.47 27.54 4.37
C2 EDO F . -5.31 25.77 2.75
O2 EDO F . -5.28 25.51 1.34
CL CL G . 13.48 49.22 -4.50
CL CL H . 10.31 20.78 -23.68
CL CL I . 27.60 19.63 -2.32
CL CL J . -21.07 17.91 30.06
CL CL K . 3.91 1.73 25.22
MG MG L . 20.19 13.49 -46.55
CL CL M . 15.31 10.47 -13.69
CL CL N . -9.30 -0.87 -18.52
MG MG O . 2.18 -17.59 -2.57
CL CL P . 5.36 -43.35 7.44
#